data_6PYR
#
_entry.id   6PYR
#
_cell.length_a   90.471
_cell.length_b   108.078
_cell.length_c   142.346
_cell.angle_alpha   90.000
_cell.angle_beta   90.000
_cell.angle_gamma   90.000
#
_symmetry.space_group_name_H-M   'P 21 21 21'
#
loop_
_entity.id
_entity.type
_entity.pdbx_description
1 polymer 'Phosphatidylinositol 4,5-bisphosphate 3-kinase catalytic subunit delta isoform'
2 polymer 'Phosphatidylinositol 3-kinase regulatory subunit alpha'
3 non-polymer (3S)-3-benzyl-3-methyl-5-[5-(2-methylpyrimidin-5-yl)pyrazolo[1,5-a]pyrimidin-3-yl]-1,3-dihydro-2H-indol-2-one
4 water water
#
loop_
_entity_poly.entity_id
_entity_poly.type
_entity_poly.pdbx_seq_one_letter_code
_entity_poly.pdbx_strand_id
1 'polypeptide(L)'
;NQSVVVDFLLPTGVYLNFPVSRNANLSTIKQLLWHRAQYEPLFHMLSGPEAYVFTCINQTAEQQELEDEQRRLCDVQPFL
PVLRLVAREGDRVKKLINSQISLLIGKGLHEFDSLCDPEVNDFRAKMCQFCEEAAARRQQLGWEAWLQYSFPLQLEPSAQ
TWGPGTLRLPNRALLVNVKFEGSEESFTFQVSTKDVPLALMACALRKKATVFRQPLVEQPEDYTLQVNGRHEYLYGSYPL
CQFQYICSCLHSGLTPHLTMVHSSSILAMRDEQSNPAPQVQKPRAKPPPIPAKKPSSVSLWSLEQPFRIELIQGSKVNAD
ERMKLVVQAGLFHGNEMLCKTVSSSEVSVCSEPVWKQRLEFDINICDLPRMARLCFALYAVIEKAKKARSTKKKSKKADC
PIAWANLMLFDYKDQLKTGERCLYMWPSVPDEKGELLNPTGTVRSNPNTDSAAALLICLPEVAPHPVYYPALEKILELGR
HSECVHVTEEEQLQLREILERRGSGELYEHEKDLVWKLRHEVQEHFPEALARLLLVTKWNKHEDVAQMLYLLCSWPELPV
LSALELLDFSFPDCHVGSFAIKSLRKLTDDELFQYLLQLVQVLKYESYLDCELTKFLLDRALANRKIGHFLFWHLRSEMH
VPSVALRFGLILEAYCRGSTHHMKVLMKQGEALSKLKALNDFVKLSSQKTPKPQTKELMHLCMRQEAYLEALSHLQSPLD
PSTLLAEVCVEQCTFMDSKMKPLWIMYSNEEAGSGGSVGIIFKNGDDLRQDMLTLQMIQLMDVLWKQEGLDLRMTPYGCL
PTGDRTGLIEVVLRSDTIANIQLNKSNMAATAAFNKDALLNWLKSKNPGEALDRAIEEFTLSCAGYCVATYVLGIGDRHS
DNIMIRESGQLFHIDFGHFLGNFKTKFGINRERVPFILTYDFVHVIQQGKTNNSEKFERFRGYCERAYTILRRHGLLFLH
LFALMRAAGLPELSCSKDIQYLKDSLALGKTEEEALKHFRVKFNEALRESWKTKVNWL
;
A
2 'polypeptide(L)'
;YQQDQVVKEDNIEAVGKKLHEYNTQFQEKSREYDRLYEDYTRTSQEIQMKRTAIEAFNETIKIFEEQCQTQERYSKEYIE
KFKREGNETEIQRIMHNYEKLKSRISEIVDSRRRLEEDLKKQAAEYREIDKRMNSIKPDLIQLRKTRDQYLMWLTQKGVR
QKKLNEWLG
;
B
#
# COMPACT_ATOMS: atom_id res chain seq x y z
N ASN A 1 19.16 -7.38 -30.61
CA ASN A 1 20.36 -6.59 -31.03
C ASN A 1 20.38 -5.19 -30.40
N GLN A 2 21.51 -4.51 -30.55
CA GLN A 2 21.72 -3.19 -29.95
C GLN A 2 20.88 -2.10 -30.61
N SER A 3 20.99 -1.99 -31.93
CA SER A 3 20.39 -0.88 -32.70
C SER A 3 18.86 -0.96 -32.83
N VAL A 4 18.24 0.19 -33.04
CA VAL A 4 16.78 0.31 -33.22
C VAL A 4 16.41 1.42 -34.22
N VAL A 5 15.49 1.11 -35.14
CA VAL A 5 15.08 2.03 -36.19
C VAL A 5 14.10 3.04 -35.62
N VAL A 6 14.51 4.32 -35.61
CA VAL A 6 13.70 5.40 -35.04
C VAL A 6 13.16 6.33 -36.13
N ASP A 7 11.86 6.63 -36.05
CA ASP A 7 11.20 7.63 -36.92
C ASP A 7 11.41 9.03 -36.35
N PHE A 8 11.91 9.95 -37.19
CA PHE A 8 12.08 11.35 -36.81
C PHE A 8 11.18 12.26 -37.62
N LEU A 9 10.34 13.03 -36.92
CA LEU A 9 9.41 14.00 -37.55
C LEU A 9 9.97 15.40 -37.29
N LEU A 10 10.40 16.06 -38.37
CA LEU A 10 10.96 17.42 -38.30
C LEU A 10 9.83 18.43 -38.40
N PRO A 11 10.02 19.66 -37.85
CA PRO A 11 8.95 20.68 -37.84
C PRO A 11 8.63 21.29 -39.20
N THR A 12 9.48 21.05 -40.18
CA THR A 12 9.21 21.34 -41.59
C THR A 12 8.26 20.33 -42.23
N GLY A 13 8.01 19.21 -41.55
CA GLY A 13 7.15 18.11 -42.04
C GLY A 13 7.95 16.93 -42.60
N VAL A 14 9.27 17.14 -42.70
CA VAL A 14 10.18 16.17 -43.27
C VAL A 14 10.31 15.01 -42.28
N TYR A 15 10.50 13.82 -42.85
CA TYR A 15 10.48 12.58 -42.10
C TYR A 15 11.75 11.80 -42.41
N LEU A 16 12.50 11.42 -41.36
CA LEU A 16 13.68 10.57 -41.46
C LEU A 16 13.52 9.31 -40.62
N ASN A 17 14.23 8.26 -41.04
CA ASN A 17 14.11 6.93 -40.48
C ASN A 17 15.50 6.31 -40.52
N PHE A 18 16.11 6.07 -39.36
CA PHE A 18 17.43 5.40 -39.31
C PHE A 18 17.73 4.76 -37.96
N PRO A 19 18.62 3.73 -37.95
CA PRO A 19 18.91 3.03 -36.71
C PRO A 19 19.81 3.84 -35.79
N VAL A 20 19.51 3.77 -34.49
CA VAL A 20 20.35 4.31 -33.44
C VAL A 20 20.47 3.25 -32.33
N SER A 21 21.53 3.37 -31.52
CA SER A 21 21.72 2.44 -30.40
C SER A 21 20.64 2.67 -29.33
N ARG A 22 20.09 1.57 -28.82
CA ARG A 22 19.15 1.62 -27.69
C ARG A 22 19.75 2.26 -26.43
N ASN A 23 21.07 2.15 -26.27
CA ASN A 23 21.83 2.77 -25.18
C ASN A 23 22.18 4.24 -25.38
N ALA A 24 22.01 4.77 -26.58
CA ALA A 24 22.43 6.14 -26.89
C ALA A 24 21.52 7.12 -26.17
N ASN A 25 22.10 8.21 -25.65
CA ASN A 25 21.27 9.27 -25.05
C ASN A 25 20.66 10.18 -26.11
N LEU A 26 19.64 10.92 -25.73
CA LEU A 26 18.88 11.74 -26.66
C LEU A 26 19.72 12.86 -27.26
N SER A 27 20.70 13.35 -26.49
CA SER A 27 21.63 14.37 -26.98
C SER A 27 22.49 13.84 -28.14
N THR A 28 22.91 12.58 -28.03
CA THR A 28 23.67 11.89 -29.08
C THR A 28 22.79 11.59 -30.30
N ILE A 29 21.55 11.16 -30.04
CA ILE A 29 20.59 10.91 -31.11
C ILE A 29 20.26 12.20 -31.89
N LYS A 30 20.16 13.32 -31.19
CA LYS A 30 19.91 14.61 -31.83
C LYS A 30 21.07 15.03 -32.76
N GLN A 31 22.30 14.74 -32.35
CA GLN A 31 23.47 14.96 -33.21
C GLN A 31 23.45 14.07 -34.45
N LEU A 32 23.13 12.79 -34.29
CA LEU A 32 23.01 11.87 -35.43
C LEU A 32 21.89 12.34 -36.38
N LEU A 33 20.81 12.87 -35.82
CA LEU A 33 19.69 13.40 -36.59
C LEU A 33 20.13 14.61 -37.42
N TRP A 34 20.80 15.55 -36.77
CA TRP A 34 21.27 16.76 -37.45
C TRP A 34 22.21 16.48 -38.57
N HIS A 35 23.15 15.57 -38.34
CA HIS A 35 24.05 15.14 -39.40
C HIS A 35 23.36 14.49 -40.60
N ARG A 36 22.25 13.77 -40.38
CA ARG A 36 21.50 13.15 -41.49
C ARG A 36 20.50 14.11 -42.14
N ALA A 37 19.91 14.99 -41.33
CA ALA A 37 18.91 15.95 -41.80
C ALA A 37 19.45 16.99 -42.79
N GLN A 38 20.76 17.27 -42.75
CA GLN A 38 21.37 18.20 -43.73
C GLN A 38 21.37 17.70 -45.18
N TYR A 39 21.17 16.39 -45.37
CA TYR A 39 21.05 15.78 -46.69
C TYR A 39 19.58 15.48 -47.07
N GLU A 40 18.64 16.13 -46.39
CA GLU A 40 17.22 15.98 -46.63
C GLU A 40 16.63 17.35 -46.94
N PRO A 41 15.46 17.38 -47.63
CA PRO A 41 14.90 18.68 -48.03
C PRO A 41 14.59 19.62 -46.86
N LEU A 42 14.71 20.91 -47.11
CA LEU A 42 14.26 21.95 -46.17
C LEU A 42 15.09 22.04 -44.88
N PHE A 43 16.32 21.51 -44.89
CA PHE A 43 17.23 21.65 -43.75
C PHE A 43 17.50 23.09 -43.32
N HIS A 44 17.68 23.98 -44.30
N HIS A 44 17.68 24.00 -44.28
CA HIS A 44 18.15 25.36 -44.05
CA HIS A 44 18.16 25.35 -44.00
C HIS A 44 17.20 26.21 -43.23
C HIS A 44 17.20 26.24 -43.25
N MET A 45 15.91 25.88 -43.27
CA MET A 45 14.89 26.58 -42.46
C MET A 45 14.85 26.18 -40.97
N LEU A 46 15.51 25.08 -40.60
CA LEU A 46 15.57 24.66 -39.19
C LEU A 46 16.42 25.63 -38.37
N SER A 47 16.00 25.88 -37.12
CA SER A 47 16.89 26.51 -36.15
C SER A 47 17.94 25.46 -35.73
N GLY A 48 18.84 25.83 -34.83
CA GLY A 48 19.85 24.92 -34.31
C GLY A 48 19.26 23.82 -33.42
N PRO A 49 20.02 22.72 -33.19
CA PRO A 49 19.50 21.57 -32.43
C PRO A 49 19.00 21.91 -31.01
N GLU A 50 19.64 22.89 -30.38
CA GLU A 50 19.28 23.33 -29.02
C GLU A 50 17.97 24.14 -28.92
N ALA A 51 17.44 24.60 -30.05
CA ALA A 51 16.14 25.30 -30.11
C ALA A 51 14.95 24.34 -30.02
N TYR A 52 15.19 23.05 -30.21
CA TYR A 52 14.14 22.03 -30.21
C TYR A 52 14.29 21.01 -29.09
N VAL A 53 13.16 20.44 -28.68
CA VAL A 53 13.11 19.31 -27.77
C VAL A 53 12.40 18.15 -28.48
N PHE A 54 12.87 16.94 -28.25
CA PHE A 54 12.19 15.72 -28.69
C PHE A 54 10.89 15.52 -27.90
N THR A 55 9.84 15.08 -28.59
CA THR A 55 8.62 14.59 -27.97
C THR A 55 8.39 13.13 -28.40
N CYS A 56 7.85 12.31 -27.49
CA CYS A 56 7.48 10.93 -27.80
C CYS A 56 6.15 10.62 -27.17
N ILE A 57 5.60 9.44 -27.53
CA ILE A 57 4.52 8.81 -26.79
C ILE A 57 5.17 7.80 -25.85
N ASN A 58 4.94 7.95 -24.55
CA ASN A 58 5.50 7.04 -23.55
C ASN A 58 4.57 5.87 -23.20
N GLN A 59 5.01 5.00 -22.31
CA GLN A 59 4.27 3.77 -21.96
C GLN A 59 2.87 4.02 -21.38
N THR A 60 2.63 5.17 -20.77
CA THR A 60 1.30 5.52 -20.28
C THR A 60 0.40 6.21 -21.33
N ALA A 61 0.76 6.11 -22.61
CA ALA A 61 -0.04 6.65 -23.74
C ALA A 61 -0.15 8.17 -23.79
N GLU A 62 0.79 8.87 -23.15
CA GLU A 62 0.81 10.33 -23.13
C GLU A 62 2.00 10.84 -23.88
N GLN A 63 1.85 12.03 -24.45
CA GLN A 63 2.96 12.77 -25.05
C GLN A 63 3.86 13.26 -23.95
N GLN A 64 5.18 13.17 -24.19
CA GLN A 64 6.17 13.61 -23.22
C GLN A 64 7.25 14.41 -23.93
N GLU A 65 7.51 15.61 -23.45
CA GLU A 65 8.61 16.45 -23.92
C GLU A 65 9.88 16.03 -23.18
N LEU A 66 10.87 15.57 -23.94
CA LEU A 66 12.06 14.94 -23.34
C LEU A 66 13.13 15.96 -23.01
N GLU A 67 12.90 16.72 -21.95
CA GLU A 67 13.80 17.81 -21.53
C GLU A 67 15.22 17.34 -21.13
N ASP A 68 15.32 16.20 -20.45
CA ASP A 68 16.62 15.67 -20.03
C ASP A 68 17.16 14.80 -21.15
N GLU A 69 18.13 15.35 -21.89
CA GLU A 69 18.71 14.67 -23.04
C GLU A 69 19.92 13.77 -22.69
N GLN A 70 20.28 13.71 -21.41
CA GLN A 70 21.23 12.70 -20.92
C GLN A 70 20.56 11.34 -20.66
N ARG A 71 19.23 11.28 -20.86
CA ARG A 71 18.51 10.02 -20.74
C ARG A 71 18.75 9.17 -21.98
N ARG A 72 19.02 7.89 -21.73
CA ARG A 72 19.15 6.90 -22.79
C ARG A 72 17.77 6.58 -23.36
N LEU A 73 17.75 6.19 -24.63
CA LEU A 73 16.50 5.87 -25.32
C LEU A 73 15.78 4.66 -24.73
N CYS A 74 16.56 3.66 -24.28
CA CYS A 74 16.01 2.47 -23.62
C CYS A 74 15.36 2.81 -22.27
N ASP A 75 15.84 3.84 -21.59
CA ASP A 75 15.24 4.32 -20.35
C ASP A 75 13.94 5.10 -20.60
N VAL A 76 13.94 5.94 -21.64
CA VAL A 76 12.75 6.72 -22.04
C VAL A 76 11.55 5.83 -22.39
N GLN A 77 11.85 4.68 -22.98
CA GLN A 77 10.85 3.63 -23.28
C GLN A 77 9.66 4.20 -24.03
N PRO A 78 9.91 4.77 -25.22
CA PRO A 78 8.80 5.30 -25.99
C PRO A 78 7.93 4.15 -26.52
N PHE A 79 6.62 4.34 -26.54
CA PHE A 79 5.69 3.29 -26.99
C PHE A 79 6.13 2.71 -28.32
N LEU A 80 6.28 3.57 -29.31
CA LEU A 80 6.90 3.22 -30.58
C LEU A 80 8.12 4.13 -30.72
N PRO A 81 9.14 3.69 -31.45
CA PRO A 81 10.35 4.52 -31.56
C PRO A 81 10.10 5.67 -32.57
N VAL A 82 9.41 6.71 -32.07
CA VAL A 82 9.02 7.87 -32.87
C VAL A 82 9.35 9.11 -32.06
N LEU A 83 10.28 9.92 -32.55
CA LEU A 83 10.66 11.15 -31.89
C LEU A 83 10.32 12.36 -32.78
N ARG A 84 9.55 13.32 -32.25
CA ARG A 84 9.11 14.54 -32.94
C ARG A 84 9.81 15.77 -32.35
N LEU A 85 10.38 16.60 -33.21
CA LEU A 85 10.99 17.87 -32.77
C LEU A 85 9.93 18.97 -32.69
N VAL A 86 9.83 19.59 -31.51
CA VAL A 86 8.90 20.69 -31.27
C VAL A 86 9.67 21.81 -30.59
N ALA A 87 9.09 23.01 -30.55
CA ALA A 87 9.69 24.17 -29.90
C ALA A 87 9.74 23.97 -28.40
N ARG A 88 10.86 24.32 -27.77
CA ARG A 88 11.03 24.28 -26.31
C ARG A 88 10.00 25.10 -25.56
N GLU A 89 9.77 26.33 -26.03
CA GLU A 89 9.07 27.35 -25.23
C GLU A 89 7.63 26.99 -24.85
N GLY A 90 7.16 27.65 -23.79
CA GLY A 90 5.94 27.28 -23.07
C GLY A 90 6.29 27.08 -21.60
N ASP A 91 5.31 26.66 -20.79
CA ASP A 91 5.54 26.38 -19.37
C ASP A 91 6.22 25.01 -19.18
N ARG A 92 7.53 24.97 -19.42
CA ARG A 92 8.28 23.71 -19.39
C ARG A 92 8.37 23.04 -18.01
N VAL A 93 8.21 23.82 -16.93
CA VAL A 93 8.19 23.29 -15.56
C VAL A 93 6.97 22.42 -15.34
N LYS A 94 5.78 22.97 -15.60
CA LYS A 94 4.53 22.20 -15.46
C LYS A 94 4.44 21.00 -16.41
N LYS A 95 4.91 21.18 -17.64
CA LYS A 95 4.98 20.08 -18.62
C LYS A 95 5.84 18.92 -18.10
N LEU A 96 7.04 19.24 -17.62
CA LEU A 96 7.98 18.24 -17.10
C LEU A 96 7.42 17.48 -15.89
N ILE A 97 6.88 18.23 -14.91
CA ILE A 97 6.34 17.62 -13.70
C ILE A 97 5.12 16.74 -14.03
N ASN A 98 4.21 17.25 -14.87
CA ASN A 98 3.03 16.47 -15.30
C ASN A 98 3.41 15.12 -15.91
N SER A 99 4.43 15.14 -16.78
CA SER A 99 4.93 13.91 -17.41
C SER A 99 5.61 12.94 -16.44
N GLN A 100 6.36 13.49 -15.48
CA GLN A 100 7.05 12.69 -14.46
C GLN A 100 6.08 12.03 -13.49
N ILE A 101 5.05 12.76 -13.08
CA ILE A 101 4.00 12.23 -12.22
C ILE A 101 3.33 11.01 -12.83
N SER A 102 2.98 11.08 -14.12
CA SER A 102 2.35 9.96 -14.85
C SER A 102 3.19 8.68 -14.80
N LEU A 103 4.49 8.83 -15.05
CA LEU A 103 5.40 7.69 -15.04
C LEU A 103 5.63 7.16 -13.62
N LEU A 104 5.74 8.06 -12.66
CA LEU A 104 6.05 7.73 -11.27
C LEU A 104 4.89 7.01 -10.58
N ILE A 105 3.66 7.52 -10.78
CA ILE A 105 2.48 6.91 -10.15
C ILE A 105 1.93 5.68 -10.91
N GLY A 106 2.52 5.35 -12.05
CA GLY A 106 2.09 4.19 -12.85
C GLY A 106 0.74 4.33 -13.52
N LYS A 107 0.31 5.59 -13.73
CA LYS A 107 -1.01 5.88 -14.30
C LYS A 107 -0.96 7.26 -14.96
N GLY A 108 -1.20 7.30 -16.27
CA GLY A 108 -1.24 8.55 -17.01
C GLY A 108 -2.29 9.49 -16.46
N LEU A 109 -1.90 10.74 -16.20
CA LEU A 109 -2.83 11.79 -15.75
C LEU A 109 -4.02 12.01 -16.69
N HIS A 110 -3.84 11.72 -17.99
CA HIS A 110 -4.93 11.81 -18.97
C HIS A 110 -6.09 10.89 -18.64
N GLU A 111 -5.80 9.77 -17.98
CA GLU A 111 -6.87 8.83 -17.58
C GLU A 111 -7.83 9.45 -16.58
N PHE A 112 -7.38 10.43 -15.79
CA PHE A 112 -8.27 11.19 -14.89
C PHE A 112 -9.18 12.15 -15.68
N ASP A 113 -8.63 12.78 -16.71
CA ASP A 113 -9.43 13.67 -17.58
C ASP A 113 -10.50 12.89 -18.35
N SER A 114 -10.08 11.80 -18.99
CA SER A 114 -10.96 10.90 -19.77
C SER A 114 -12.26 10.44 -19.09
N LEU A 115 -12.28 10.43 -17.75
CA LEU A 115 -13.47 10.06 -16.97
C LEU A 115 -14.60 11.10 -17.07
N CYS A 116 -14.26 12.35 -17.39
CA CYS A 116 -15.22 13.46 -17.45
C CYS A 116 -16.09 13.50 -16.19
N ASP A 117 -15.39 13.49 -15.06
CA ASP A 117 -16.00 13.36 -13.75
C ASP A 117 -15.72 14.65 -12.98
N PRO A 118 -16.76 15.44 -12.63
CA PRO A 118 -16.49 16.67 -11.86
C PRO A 118 -15.83 16.44 -10.48
N GLU A 119 -16.23 15.38 -9.77
CA GLU A 119 -15.64 15.05 -8.45
C GLU A 119 -14.13 14.92 -8.56
N VAL A 120 -13.69 14.13 -9.54
CA VAL A 120 -12.28 13.98 -9.90
C VAL A 120 -11.63 15.34 -10.19
N ASN A 121 -12.27 16.15 -11.05
CA ASN A 121 -11.72 17.45 -11.46
C ASN A 121 -11.61 18.43 -10.30
N ASP A 122 -12.66 18.50 -9.48
CA ASP A 122 -12.62 19.27 -8.22
C ASP A 122 -11.57 18.77 -7.20
N PHE A 123 -11.31 17.45 -7.15
CA PHE A 123 -10.30 16.93 -6.22
C PHE A 123 -8.92 17.41 -6.63
N ARG A 124 -8.59 17.20 -7.89
CA ARG A 124 -7.26 17.53 -8.42
C ARG A 124 -7.00 19.02 -8.29
N ALA A 125 -7.94 19.83 -8.72
CA ALA A 125 -7.82 21.30 -8.62
C ALA A 125 -7.58 21.78 -7.18
N LYS A 126 -8.38 21.27 -6.23
CA LYS A 126 -8.27 21.67 -4.82
C LYS A 126 -7.00 21.13 -4.13
N MET A 127 -6.69 19.85 -4.35
CA MET A 127 -5.60 19.18 -3.62
C MET A 127 -4.24 19.55 -4.15
N CYS A 128 -4.13 19.67 -5.47
CA CYS A 128 -2.88 20.09 -6.11
C CYS A 128 -2.54 21.53 -5.74
N GLN A 129 -3.56 22.39 -5.68
CA GLN A 129 -3.41 23.76 -5.20
C GLN A 129 -2.85 23.81 -3.77
N PHE A 130 -3.50 23.09 -2.85
CA PHE A 130 -3.09 23.06 -1.44
C PHE A 130 -1.66 22.52 -1.25
N CYS A 131 -1.33 21.47 -2.00
CA CYS A 131 -0.01 20.85 -1.93
C CYS A 131 1.11 21.74 -2.47
N GLU A 132 0.84 22.43 -3.58
CA GLU A 132 1.77 23.43 -4.15
C GLU A 132 2.03 24.62 -3.20
N GLU A 133 0.98 25.13 -2.58
CA GLU A 133 1.10 26.24 -1.61
C GLU A 133 2.01 25.88 -0.44
N ALA A 134 1.83 24.67 0.11
CA ALA A 134 2.70 24.15 1.17
C ALA A 134 4.14 24.03 0.69
N ALA A 135 4.32 23.50 -0.53
CA ALA A 135 5.64 23.41 -1.17
C ALA A 135 6.32 24.78 -1.34
N ALA A 136 5.55 25.79 -1.77
CA ALA A 136 6.09 27.15 -1.94
C ALA A 136 6.42 27.76 -0.59
N ARG A 137 5.49 27.60 0.37
CA ARG A 137 5.68 28.07 1.74
C ARG A 137 6.91 27.44 2.39
N ARG A 138 7.07 26.14 2.19
CA ARG A 138 8.25 25.38 2.65
C ARG A 138 9.56 25.94 2.08
N GLN A 139 9.54 26.33 0.80
CA GLN A 139 10.74 26.88 0.13
C GLN A 139 11.19 28.19 0.79
N GLN A 140 10.23 29.01 1.21
CA GLN A 140 10.52 30.28 1.90
C GLN A 140 11.04 30.13 3.34
N LEU A 141 10.95 28.92 3.92
CA LEU A 141 11.48 28.65 5.26
C LEU A 141 13.01 28.67 5.30
N GLY A 142 13.55 28.80 6.51
CA GLY A 142 15.00 28.78 6.73
C GLY A 142 15.59 27.39 6.62
N TRP A 143 16.91 27.33 6.68
CA TRP A 143 17.66 26.06 6.53
C TRP A 143 17.37 25.04 7.62
N GLU A 144 17.06 25.52 8.82
CA GLU A 144 16.73 24.64 9.95
C GLU A 144 15.38 23.95 9.75
N ALA A 145 14.36 24.75 9.43
CA ALA A 145 13.02 24.24 9.13
C ALA A 145 13.02 23.23 7.98
N TRP A 146 13.80 23.51 6.93
CA TRP A 146 13.92 22.59 5.80
C TRP A 146 14.61 21.30 6.18
N LEU A 147 15.56 21.37 7.11
CA LEU A 147 16.22 20.18 7.65
C LEU A 147 15.23 19.30 8.41
N GLN A 148 14.38 19.93 9.21
CA GLN A 148 13.31 19.25 9.95
C GLN A 148 12.30 18.56 9.03
N TYR A 149 11.96 19.20 7.92
CA TYR A 149 11.11 18.60 6.88
C TYR A 149 11.78 17.39 6.25
N SER A 150 12.99 17.60 5.74
CA SER A 150 13.65 16.59 4.89
C SER A 150 14.31 15.46 5.66
N PHE A 151 14.87 15.77 6.84
CA PHE A 151 15.60 14.79 7.67
C PHE A 151 15.18 14.87 9.13
N PRO A 152 13.94 14.44 9.44
CA PRO A 152 13.46 14.51 10.81
C PRO A 152 14.25 13.59 11.74
N LEU A 153 14.28 13.94 13.01
CA LEU A 153 15.13 13.27 13.99
C LEU A 153 14.73 11.80 14.16
N GLN A 154 15.74 10.95 14.15
CA GLN A 154 15.61 9.54 14.39
C GLN A 154 16.08 9.34 15.84
N LEU A 155 15.11 9.34 16.75
CA LEU A 155 15.36 9.25 18.19
C LEU A 155 14.90 7.90 18.71
N GLU A 156 15.59 7.40 19.73
CA GLU A 156 15.16 6.19 20.46
C GLU A 156 13.90 6.51 21.27
N PRO A 157 12.98 5.52 21.40
CA PRO A 157 11.71 5.68 22.14
C PRO A 157 11.83 6.43 23.48
N SER A 158 12.86 6.12 24.25
CA SER A 158 13.29 6.91 25.41
C SER A 158 12.17 7.25 26.40
N ASN A 171 25.01 8.67 32.83
CA ASN A 171 26.11 9.41 32.22
C ASN A 171 27.42 8.62 32.18
N ARG A 172 28.02 8.52 30.98
CA ARG A 172 29.34 7.93 30.80
C ARG A 172 30.10 8.69 29.71
N ALA A 173 31.41 8.44 29.63
CA ALA A 173 32.26 9.06 28.62
C ALA A 173 32.01 8.43 27.24
N LEU A 174 32.25 9.21 26.18
CA LEU A 174 32.13 8.73 24.81
C LEU A 174 32.94 9.60 23.85
N LEU A 175 33.91 8.99 23.17
CA LEU A 175 34.71 9.71 22.17
C LEU A 175 34.03 9.64 20.80
N VAL A 176 33.95 10.79 20.13
CA VAL A 176 33.34 10.91 18.80
C VAL A 176 34.36 11.45 17.80
N ASN A 177 34.40 10.84 16.61
CA ASN A 177 35.22 11.32 15.49
C ASN A 177 34.43 12.36 14.70
N VAL A 178 34.76 13.63 14.91
CA VAL A 178 34.15 14.74 14.18
C VAL A 178 35.09 15.19 13.05
N LYS A 179 34.50 15.46 11.89
CA LYS A 179 35.21 15.84 10.67
C LYS A 179 34.49 17.07 10.09
N PHE A 180 35.16 17.80 9.20
CA PHE A 180 34.53 18.91 8.47
C PHE A 180 34.35 18.60 6.99
N GLU A 181 33.43 19.34 6.36
CA GLU A 181 33.02 19.08 4.98
C GLU A 181 34.11 19.54 4.01
N GLY A 182 34.50 18.67 3.08
CA GLY A 182 35.57 18.96 2.13
C GLY A 182 36.95 19.00 2.76
N SER A 183 37.24 18.03 3.62
CA SER A 183 38.49 17.96 4.37
C SER A 183 38.66 16.58 5.02
N GLU A 184 39.65 15.83 4.56
CA GLU A 184 39.97 14.51 5.13
C GLU A 184 40.52 14.56 6.56
N GLU A 185 41.00 15.73 7.00
CA GLU A 185 41.45 15.93 8.37
C GLU A 185 40.25 15.80 9.34
N SER A 186 40.42 14.96 10.36
CA SER A 186 39.37 14.66 11.35
C SER A 186 39.87 14.85 12.79
N PHE A 187 38.93 14.93 13.72
CA PHE A 187 39.21 15.21 15.14
C PHE A 187 38.49 14.19 16.03
N THR A 188 39.26 13.44 16.82
CA THR A 188 38.71 12.54 17.85
C THR A 188 38.83 13.21 19.22
N PHE A 189 37.73 13.24 19.97
CA PHE A 189 37.72 13.85 21.31
C PHE A 189 36.55 13.40 22.17
N GLN A 190 36.75 13.45 23.50
CA GLN A 190 35.75 12.98 24.47
C GLN A 190 34.52 13.90 24.56
N VAL A 191 33.37 13.28 24.75
CA VAL A 191 32.08 13.98 24.88
C VAL A 191 31.23 13.22 25.92
N SER A 192 30.46 13.94 26.73
CA SER A 192 29.53 13.29 27.65
C SER A 192 28.33 12.75 26.86
N THR A 193 27.81 11.61 27.30
CA THR A 193 26.69 10.96 26.63
C THR A 193 25.39 11.80 26.71
N LYS A 194 25.28 12.63 27.75
CA LYS A 194 24.14 13.53 27.95
C LYS A 194 24.36 14.97 27.44
N ASP A 195 25.44 15.21 26.69
CA ASP A 195 25.65 16.50 26.02
C ASP A 195 24.61 16.71 24.90
N VAL A 196 24.25 17.97 24.69
CA VAL A 196 23.41 18.37 23.54
C VAL A 196 24.33 18.46 22.30
N PRO A 197 23.81 18.16 21.09
CA PRO A 197 24.59 18.27 19.85
C PRO A 197 25.34 19.58 19.67
N LEU A 198 24.67 20.70 19.98
CA LEU A 198 25.29 22.05 19.94
C LEU A 198 26.59 22.16 20.72
N ALA A 199 26.67 21.48 21.87
CA ALA A 199 27.90 21.46 22.69
C ALA A 199 29.04 20.71 21.99
N LEU A 200 28.71 19.62 21.30
CA LEU A 200 29.69 18.88 20.47
C LEU A 200 30.17 19.71 19.28
N MET A 201 29.27 20.48 18.69
CA MET A 201 29.63 21.37 17.55
C MET A 201 30.57 22.50 17.98
N ALA A 202 30.26 23.12 19.11
CA ALA A 202 31.14 24.15 19.71
C ALA A 202 32.53 23.62 20.07
N CYS A 203 32.62 22.34 20.41
CA CYS A 203 33.90 21.70 20.74
C CYS A 203 34.78 21.51 19.50
N ALA A 204 34.22 20.90 18.46
CA ALA A 204 34.94 20.66 17.20
C ALA A 204 35.34 21.98 16.51
N LEU A 205 34.48 22.99 16.63
CA LEU A 205 34.74 24.33 16.09
C LEU A 205 35.93 25.03 16.77
N ARG A 206 36.07 24.84 18.08
CA ARG A 206 37.23 25.35 18.83
C ARG A 206 38.54 24.66 18.42
N LYS A 207 38.48 23.35 18.22
CA LYS A 207 39.64 22.58 17.74
C LYS A 207 40.02 22.90 16.28
N LYS A 208 39.03 23.26 15.46
CA LYS A 208 39.27 23.77 14.11
C LYS A 208 39.91 25.17 14.18
N ALA A 209 39.42 25.99 15.09
CA ALA A 209 40.01 27.31 15.37
C ALA A 209 41.44 27.16 15.93
N THR A 210 41.64 26.19 16.82
CA THR A 210 42.96 25.92 17.41
C THR A 210 43.82 25.09 16.43
N VAL A 211 44.30 25.74 15.37
CA VAL A 211 45.18 25.13 14.36
C VAL A 211 46.21 26.15 13.87
N ARG A 213 42.54 28.56 11.54
CA ARG A 213 43.35 29.78 11.48
C ARG A 213 43.08 30.72 12.66
N GLN A 214 41.80 31.00 12.90
CA GLN A 214 41.34 31.88 13.99
C GLN A 214 41.97 33.26 13.98
N VAL A 217 37.00 32.80 12.36
CA VAL A 217 36.10 32.35 13.41
C VAL A 217 34.65 32.25 12.90
N GLU A 218 33.96 31.18 13.28
CA GLU A 218 32.55 30.96 12.93
C GLU A 218 31.75 30.59 14.18
N GLN A 219 30.43 30.77 14.10
CA GLN A 219 29.51 30.48 15.21
C GLN A 219 29.06 29.01 15.20
N PRO A 220 28.71 28.46 16.39
CA PRO A 220 28.25 27.06 16.47
C PRO A 220 26.85 26.82 15.92
N GLU A 221 25.97 27.83 16.00
CA GLU A 221 24.59 27.74 15.50
C GLU A 221 24.49 27.56 13.98
N ASP A 222 25.48 28.05 13.24
CA ASP A 222 25.52 27.91 11.77
C ASP A 222 25.85 26.48 11.28
N TYR A 223 26.35 25.63 12.17
CA TYR A 223 26.64 24.23 11.84
C TYR A 223 25.45 23.29 12.07
N THR A 224 25.53 22.11 11.45
CA THR A 224 24.72 20.95 11.82
C THR A 224 25.61 19.71 11.71
N LEU A 225 25.25 18.63 12.41
CA LEU A 225 26.03 17.38 12.40
C LEU A 225 25.33 16.33 11.54
N GLN A 226 26.11 15.64 10.71
CA GLN A 226 25.63 14.57 9.84
C GLN A 226 26.36 13.27 10.18
N VAL A 227 25.62 12.16 10.18
CA VAL A 227 26.22 10.83 10.30
C VAL A 227 26.91 10.49 8.97
N ASN A 228 28.21 10.20 9.02
CA ASN A 228 29.01 9.87 7.83
C ASN A 228 28.37 8.81 6.94
N GLY A 229 28.20 9.13 5.65
CA GLY A 229 27.62 8.19 4.67
C GLY A 229 26.13 7.94 4.81
N ARG A 230 25.42 8.84 5.49
CA ARG A 230 23.97 8.75 5.70
C ARG A 230 23.35 10.15 5.68
N HIS A 231 22.10 10.25 5.23
CA HIS A 231 21.30 11.46 5.44
C HIS A 231 20.55 11.37 6.75
N GLU A 232 21.31 11.37 7.85
CA GLU A 232 20.76 11.41 9.21
C GLU A 232 21.51 12.53 9.94
N TYR A 233 20.78 13.34 10.69
CA TYR A 233 21.32 14.58 11.23
C TYR A 233 21.03 14.74 12.71
N LEU A 234 22.05 15.15 13.47
CA LEU A 234 21.97 15.36 14.92
C LEU A 234 21.81 16.86 15.20
N TYR A 235 20.57 17.27 15.51
CA TYR A 235 20.24 18.66 15.86
C TYR A 235 19.15 18.69 16.94
N GLY A 236 18.87 19.88 17.46
CA GLY A 236 17.80 20.09 18.44
C GLY A 236 18.23 19.94 19.90
N SER A 237 17.26 20.09 20.80
CA SER A 237 17.52 20.19 22.24
C SER A 237 17.80 18.85 22.98
N TYR A 238 17.68 17.72 22.29
CA TYR A 238 17.81 16.39 22.91
C TYR A 238 19.27 16.05 23.25
N PRO A 239 19.50 15.17 24.26
CA PRO A 239 20.86 14.69 24.56
C PRO A 239 21.34 13.64 23.56
N LEU A 240 22.65 13.42 23.51
CA LEU A 240 23.27 12.62 22.44
C LEU A 240 22.86 11.13 22.43
N CYS A 241 22.76 10.52 23.60
CA CYS A 241 22.38 9.11 23.69
C CYS A 241 20.96 8.81 23.21
N GLN A 242 20.07 9.82 23.21
CA GLN A 242 18.72 9.67 22.65
C GLN A 242 18.66 9.55 21.12
N PHE A 243 19.76 9.84 20.43
CA PHE A 243 19.83 9.62 18.96
C PHE A 243 20.15 8.17 18.66
N GLN A 244 19.41 7.58 17.71
CA GLN A 244 19.53 6.15 17.35
C GLN A 244 20.93 5.74 16.92
N TYR A 245 21.61 6.60 16.16
CA TYR A 245 22.97 6.34 15.71
C TYR A 245 23.94 6.23 16.88
N ILE A 246 23.84 7.19 17.80
CA ILE A 246 24.69 7.25 18.99
C ILE A 246 24.36 6.09 19.95
N CYS A 247 23.06 5.85 20.14
CA CYS A 247 22.59 4.73 20.99
C CYS A 247 23.07 3.38 20.45
N SER A 248 23.00 3.22 19.13
CA SER A 248 23.55 2.05 18.44
C SER A 248 25.07 1.95 18.63
N CYS A 249 25.77 3.09 18.52
CA CYS A 249 27.22 3.15 18.71
C CYS A 249 27.66 2.83 20.15
N LEU A 250 26.97 3.43 21.13
CA LEU A 250 27.23 3.18 22.56
C LEU A 250 27.10 1.70 22.96
N HIS A 251 26.06 1.04 22.44
CA HIS A 251 25.76 -0.36 22.75
C HIS A 251 26.76 -1.30 22.11
N SER A 252 27.01 -1.10 20.82
CA SER A 252 27.98 -1.90 20.06
C SER A 252 29.43 -1.65 20.52
N GLY A 253 29.74 -0.40 20.86
CA GLY A 253 31.10 0.01 21.27
C GLY A 253 31.89 0.77 20.21
N LEU A 254 31.34 0.86 18.99
CA LEU A 254 31.96 1.64 17.91
C LEU A 254 31.90 3.13 18.23
N THR A 255 32.87 3.88 17.71
CA THR A 255 32.97 5.32 17.96
C THR A 255 32.20 6.09 16.87
N PRO A 256 31.27 6.99 17.28
CA PRO A 256 30.52 7.76 16.28
C PRO A 256 31.39 8.56 15.30
N HIS A 257 31.04 8.50 14.01
CA HIS A 257 31.74 9.22 12.94
C HIS A 257 30.81 10.25 12.36
N LEU A 258 31.03 11.52 12.72
CA LEU A 258 30.18 12.64 12.33
C LEU A 258 30.91 13.65 11.44
N THR A 259 30.13 14.40 10.66
CA THR A 259 30.63 15.48 9.79
C THR A 259 29.91 16.79 10.13
N MET A 260 30.69 17.85 10.34
CA MET A 260 30.15 19.21 10.53
C MET A 260 29.79 19.82 9.17
N VAL A 261 28.54 20.22 9.00
CA VAL A 261 28.01 20.74 7.73
C VAL A 261 27.41 22.14 7.92
N HIS A 262 27.79 23.07 7.04
CA HIS A 262 27.44 24.49 7.15
C HIS A 262 26.04 24.80 6.68
N SER A 263 25.45 25.89 7.18
CA SER A 263 24.10 26.34 6.80
C SER A 263 23.90 26.44 5.28
N SER A 264 24.83 27.14 4.62
CA SER A 264 24.87 27.27 3.17
C SER A 264 24.84 25.94 2.42
N SER A 265 25.53 24.94 2.96
CA SER A 265 25.51 23.58 2.40
C SER A 265 24.12 22.93 2.49
N ILE A 266 23.35 23.29 3.51
CA ILE A 266 21.94 22.82 3.64
C ILE A 266 21.00 23.60 2.70
N LEU A 267 21.23 24.90 2.54
CA LEU A 267 20.51 25.70 1.54
C LEU A 267 20.83 25.25 0.10
N ALA A 268 22.07 24.78 -0.11
CA ALA A 268 22.47 24.15 -1.39
C ALA A 268 21.62 22.92 -1.74
N MET A 269 21.30 22.10 -0.74
CA MET A 269 20.42 20.92 -0.92
C MET A 269 18.98 21.35 -1.27
N ARG A 270 18.48 22.32 -0.53
CA ARG A 270 17.14 22.88 -0.77
C ARG A 270 16.98 23.40 -2.20
N ASP A 271 18.02 24.06 -2.71
CA ASP A 271 18.01 24.66 -4.05
C ASP A 271 18.85 23.82 -5.02
N GLU A 272 18.51 22.54 -5.13
CA GLU A 272 19.24 21.59 -5.97
C GLU A 272 18.81 21.72 -7.43
N SER A 296 -33.04 24.82 -4.15
CA SER A 296 -32.79 26.07 -3.42
C SER A 296 -33.85 26.33 -2.34
N SER A 297 -35.12 26.26 -2.75
CA SER A 297 -36.26 26.49 -1.86
C SER A 297 -37.07 25.21 -1.57
N VAL A 298 -36.37 24.07 -1.50
CA VAL A 298 -36.99 22.77 -1.17
C VAL A 298 -36.06 22.00 -0.22
N SER A 299 -36.54 21.73 1.00
CA SER A 299 -35.80 20.95 1.98
C SER A 299 -35.88 19.46 1.67
N LEU A 300 -34.88 18.71 2.15
CA LEU A 300 -34.90 17.24 2.12
C LEU A 300 -35.97 16.70 3.08
N TRP A 301 -36.16 17.38 4.21
CA TRP A 301 -37.09 16.93 5.26
C TRP A 301 -38.54 17.12 4.92
N SER A 302 -38.84 17.94 3.92
CA SER A 302 -40.21 18.08 3.40
C SER A 302 -40.68 16.89 2.54
N LEU A 303 -39.73 16.19 1.90
CA LEU A 303 -40.05 15.05 1.03
C LEU A 303 -40.40 13.78 1.82
N GLU A 304 -41.69 13.65 2.17
CA GLU A 304 -42.17 12.49 2.96
C GLU A 304 -42.55 11.25 2.13
N GLN A 305 -42.28 11.27 0.82
CA GLN A 305 -42.57 10.11 -0.05
C GLN A 305 -41.53 9.00 0.16
N PRO A 306 -41.89 7.71 -0.07
CA PRO A 306 -40.90 6.64 0.09
C PRO A 306 -39.80 6.66 -0.97
N PHE A 307 -38.61 6.20 -0.60
CA PHE A 307 -37.51 6.07 -1.56
C PHE A 307 -37.77 4.91 -2.52
N ARG A 308 -37.43 5.11 -3.79
CA ARG A 308 -37.61 4.09 -4.82
C ARG A 308 -36.63 4.29 -5.97
N ILE A 309 -36.46 3.21 -6.75
CA ILE A 309 -35.57 3.19 -7.90
C ILE A 309 -36.23 2.41 -9.03
N GLU A 310 -35.75 2.64 -10.26
CA GLU A 310 -36.17 1.87 -11.41
C GLU A 310 -35.00 1.02 -11.87
N LEU A 311 -35.13 -0.30 -11.72
CA LEU A 311 -34.18 -1.24 -12.30
C LEU A 311 -34.56 -1.42 -13.75
N ILE A 312 -33.72 -0.92 -14.65
CA ILE A 312 -34.03 -0.91 -16.08
C ILE A 312 -33.50 -2.20 -16.71
N GLN A 313 -32.18 -2.31 -16.78
CA GLN A 313 -31.51 -3.32 -17.60
C GLN A 313 -30.16 -3.72 -17.01
N GLY A 314 -29.75 -4.95 -17.26
CA GLY A 314 -28.39 -5.41 -17.00
C GLY A 314 -27.67 -5.61 -18.32
N SER A 315 -26.34 -5.54 -18.30
CA SER A 315 -25.53 -5.65 -19.51
C SER A 315 -24.27 -6.48 -19.31
N LYS A 316 -23.93 -7.29 -20.31
CA LYS A 316 -22.72 -8.12 -20.36
C LYS A 316 -22.64 -9.11 -19.18
N VAL A 317 -23.78 -9.73 -18.89
CA VAL A 317 -23.87 -10.78 -17.87
C VAL A 317 -23.40 -12.12 -18.44
N ASN A 318 -22.62 -12.83 -17.65
CA ASN A 318 -22.05 -14.13 -18.01
C ASN A 318 -22.53 -15.16 -16.99
N ALA A 319 -23.67 -15.78 -17.28
CA ALA A 319 -24.32 -16.71 -16.34
C ALA A 319 -24.77 -17.98 -17.03
N ASP A 320 -25.23 -18.93 -16.21
CA ASP A 320 -25.72 -20.22 -16.69
C ASP A 320 -27.10 -20.02 -17.33
N GLU A 321 -27.21 -20.41 -18.60
CA GLU A 321 -28.42 -20.13 -19.42
C GLU A 321 -29.69 -20.82 -18.93
N ARG A 322 -29.54 -21.95 -18.25
CA ARG A 322 -30.69 -22.68 -17.67
C ARG A 322 -31.32 -21.92 -16.49
N MET A 323 -30.52 -21.13 -15.78
CA MET A 323 -30.96 -20.41 -14.58
C MET A 323 -31.69 -19.11 -14.92
N LYS A 324 -32.19 -18.43 -13.87
CA LYS A 324 -32.85 -17.13 -13.98
C LYS A 324 -32.01 -16.08 -13.25
N LEU A 325 -32.18 -14.81 -13.62
CA LEU A 325 -31.44 -13.68 -13.01
C LEU A 325 -32.31 -12.88 -12.04
N VAL A 326 -31.72 -12.51 -10.90
CA VAL A 326 -32.39 -11.69 -9.87
C VAL A 326 -31.45 -10.57 -9.39
N VAL A 327 -32.03 -9.44 -8.99
CA VAL A 327 -31.29 -8.32 -8.42
C VAL A 327 -31.81 -8.06 -7.01
N GLN A 328 -30.97 -8.31 -6.00
CA GLN A 328 -31.24 -7.87 -4.63
C GLN A 328 -30.77 -6.43 -4.47
N ALA A 329 -31.63 -5.57 -3.92
CA ALA A 329 -31.24 -4.20 -3.58
C ALA A 329 -31.53 -3.93 -2.10
N GLY A 330 -30.68 -3.12 -1.48
CA GLY A 330 -30.85 -2.71 -0.08
C GLY A 330 -30.16 -1.39 0.23
N LEU A 331 -30.73 -0.62 1.15
CA LEU A 331 -30.15 0.65 1.59
C LEU A 331 -29.36 0.44 2.88
N PHE A 332 -28.13 0.97 2.91
CA PHE A 332 -27.24 0.80 4.06
C PHE A 332 -26.62 2.12 4.54
N HIS A 333 -26.31 2.16 5.84
CA HIS A 333 -25.45 3.18 6.44
C HIS A 333 -24.36 2.48 7.20
N GLY A 334 -23.17 2.47 6.62
CA GLY A 334 -22.08 1.63 7.12
C GLY A 334 -22.41 0.17 6.87
N ASN A 335 -22.51 -0.60 7.95
CA ASN A 335 -22.87 -2.03 7.89
C ASN A 335 -24.33 -2.31 8.31
N GLU A 336 -25.04 -1.29 8.79
CA GLU A 336 -26.45 -1.42 9.19
C GLU A 336 -27.42 -1.18 8.02
N MET A 337 -28.43 -2.04 7.90
CA MET A 337 -29.53 -1.86 6.95
C MET A 337 -30.44 -0.74 7.46
N LEU A 338 -30.77 0.19 6.56
CA LEU A 338 -31.73 1.26 6.90
C LEU A 338 -33.18 0.78 6.79
N CYS A 339 -33.41 -0.23 5.95
CA CYS A 339 -34.72 -0.84 5.79
C CYS A 339 -34.58 -2.24 5.18
N LYS A 340 -35.70 -2.91 4.94
CA LYS A 340 -35.70 -4.27 4.41
C LYS A 340 -35.19 -4.31 2.97
N THR A 341 -34.59 -5.43 2.58
CA THR A 341 -34.03 -5.62 1.24
C THR A 341 -35.14 -6.01 0.28
N VAL A 342 -35.30 -5.24 -0.79
CA VAL A 342 -36.31 -5.51 -1.82
C VAL A 342 -35.63 -6.19 -3.01
N SER A 343 -36.32 -7.17 -3.61
CA SER A 343 -35.78 -7.96 -4.72
C SER A 343 -36.56 -7.76 -6.01
N SER A 344 -35.85 -7.86 -7.14
CA SER A 344 -36.48 -7.79 -8.46
C SER A 344 -37.24 -9.08 -8.76
N SER A 345 -37.97 -9.06 -9.87
CA SER A 345 -38.59 -10.26 -10.41
C SER A 345 -37.52 -11.11 -11.11
N GLU A 346 -37.88 -12.36 -11.37
CA GLU A 346 -37.00 -13.30 -12.06
C GLU A 346 -37.19 -13.21 -13.57
N VAL A 347 -36.12 -12.86 -14.28
CA VAL A 347 -36.06 -12.87 -15.74
C VAL A 347 -35.05 -13.94 -16.15
N SER A 348 -35.22 -14.50 -17.35
CA SER A 348 -34.34 -15.54 -17.87
C SER A 348 -32.90 -15.06 -18.02
N VAL A 349 -31.95 -15.99 -17.89
CA VAL A 349 -30.52 -15.66 -18.04
C VAL A 349 -30.23 -15.36 -19.51
N CYS A 350 -29.69 -14.17 -19.74
CA CYS A 350 -29.09 -13.79 -21.02
C CYS A 350 -27.99 -12.76 -20.74
N SER A 351 -27.26 -12.39 -21.79
CA SER A 351 -26.21 -11.36 -21.69
C SER A 351 -26.76 -9.98 -21.31
N GLU A 352 -27.94 -9.65 -21.82
CA GLU A 352 -28.53 -8.30 -21.75
C GLU A 352 -29.94 -8.35 -21.14
N PRO A 353 -30.06 -8.74 -19.85
CA PRO A 353 -31.38 -8.87 -19.22
C PRO A 353 -32.10 -7.53 -18.99
N VAL A 354 -33.43 -7.55 -19.13
CA VAL A 354 -34.29 -6.37 -18.97
C VAL A 354 -35.31 -6.62 -17.87
N TRP A 355 -35.54 -5.60 -17.02
CA TRP A 355 -36.46 -5.69 -15.87
C TRP A 355 -37.55 -4.64 -15.93
N LYS A 356 -37.15 -3.37 -15.96
CA LYS A 356 -38.07 -2.21 -15.99
C LYS A 356 -39.09 -2.23 -14.84
N GLN A 357 -38.59 -2.42 -13.61
CA GLN A 357 -39.43 -2.50 -12.41
C GLN A 357 -39.15 -1.36 -11.43
N ARG A 358 -40.22 -0.86 -10.81
CA ARG A 358 -40.15 0.16 -9.79
C ARG A 358 -39.92 -0.53 -8.44
N LEU A 359 -38.66 -0.65 -8.02
CA LEU A 359 -38.32 -1.18 -6.70
C LEU A 359 -38.51 -0.09 -5.65
N GLU A 360 -39.41 -0.32 -4.70
CA GLU A 360 -39.74 0.64 -3.64
C GLU A 360 -39.28 0.08 -2.30
N PHE A 361 -38.74 0.97 -1.46
CA PHE A 361 -38.14 0.60 -0.17
C PHE A 361 -38.97 1.15 0.97
N ASP A 362 -38.83 0.53 2.15
CA ASP A 362 -39.60 0.88 3.36
C ASP A 362 -38.92 2.00 4.15
N ILE A 363 -38.73 3.15 3.49
CA ILE A 363 -38.12 4.33 4.12
C ILE A 363 -38.40 5.59 3.27
N ASN A 364 -38.73 6.69 3.93
CA ASN A 364 -38.97 7.96 3.24
C ASN A 364 -37.69 8.67 2.82
N ILE A 365 -37.77 9.48 1.76
CA ILE A 365 -36.67 10.31 1.27
C ILE A 365 -36.16 11.26 2.36
N CYS A 366 -37.07 11.75 3.21
CA CYS A 366 -36.71 12.62 4.34
C CYS A 366 -35.83 11.96 5.41
N ASP A 367 -35.88 10.63 5.51
CA ASP A 367 -35.12 9.88 6.52
C ASP A 367 -33.77 9.32 6.03
N LEU A 368 -33.41 9.58 4.78
CA LEU A 368 -32.14 9.10 4.22
C LEU A 368 -30.96 9.89 4.81
N PRO A 369 -30.01 9.19 5.46
CA PRO A 369 -28.83 9.90 6.01
C PRO A 369 -27.80 10.29 4.93
N ARG A 370 -26.89 11.19 5.30
CA ARG A 370 -25.92 11.77 4.36
C ARG A 370 -25.11 10.71 3.61
N MET A 371 -24.73 9.65 4.31
CA MET A 371 -23.94 8.57 3.74
C MET A 371 -24.77 7.34 3.36
N ALA A 372 -26.06 7.53 3.09
CA ALA A 372 -26.94 6.42 2.70
C ALA A 372 -26.44 5.82 1.40
N ARG A 373 -26.44 4.49 1.36
CA ARG A 373 -25.66 3.71 0.40
C ARG A 373 -26.59 2.68 -0.22
N LEU A 374 -26.84 2.80 -1.53
CA LEU A 374 -27.67 1.85 -2.25
C LEU A 374 -26.76 0.74 -2.76
N CYS A 375 -27.05 -0.49 -2.37
CA CYS A 375 -26.20 -1.64 -2.66
C CYS A 375 -26.98 -2.68 -3.44
N PHE A 376 -26.38 -3.17 -4.53
CA PHE A 376 -26.98 -4.17 -5.41
C PHE A 376 -26.17 -5.45 -5.41
N ALA A 377 -26.85 -6.59 -5.61
CA ALA A 377 -26.20 -7.86 -5.90
C ALA A 377 -26.98 -8.60 -6.98
N LEU A 378 -26.31 -9.00 -8.06
CA LEU A 378 -26.93 -9.77 -9.13
C LEU A 378 -26.75 -11.25 -8.81
N TYR A 379 -27.87 -11.98 -8.75
CA TYR A 379 -27.88 -13.41 -8.45
C TYR A 379 -28.46 -14.21 -9.62
N ALA A 380 -27.80 -15.30 -9.98
CA ALA A 380 -28.36 -16.33 -10.84
C ALA A 380 -29.01 -17.38 -9.94
N VAL A 381 -30.31 -17.61 -10.12
CA VAL A 381 -31.10 -18.51 -9.28
C VAL A 381 -31.76 -19.59 -10.12
N ILE A 382 -31.89 -20.79 -9.55
CA ILE A 382 -32.67 -21.87 -10.16
C ILE A 382 -34.16 -21.49 -10.13
N GLU A 383 -34.89 -21.89 -11.17
CA GLU A 383 -36.33 -21.57 -11.30
C GLU A 383 -37.13 -22.29 -10.22
N LYS A 384 -38.01 -21.56 -9.54
CA LYS A 384 -38.85 -22.11 -8.47
C LYS A 384 -39.92 -23.03 -9.06
N ALA A 385 -39.85 -24.32 -8.72
CA ALA A 385 -40.81 -25.32 -9.22
C ALA A 385 -40.77 -26.59 -8.38
N ALA A 398 -28.21 -23.83 -3.76
CA ALA A 398 -27.14 -22.82 -3.69
C ALA A 398 -27.28 -21.76 -4.79
N ASP A 399 -27.78 -20.58 -4.41
CA ASP A 399 -27.85 -19.44 -5.34
C ASP A 399 -26.46 -18.94 -5.67
N CYS A 400 -26.24 -18.56 -6.94
CA CYS A 400 -24.96 -18.03 -7.41
C CYS A 400 -24.94 -16.52 -7.23
N PRO A 401 -24.07 -15.99 -6.33
CA PRO A 401 -23.80 -14.55 -6.38
C PRO A 401 -22.88 -14.24 -7.56
N ILE A 402 -23.39 -13.50 -8.55
CA ILE A 402 -22.66 -13.20 -9.77
C ILE A 402 -21.73 -12.01 -9.54
N ALA A 403 -22.33 -10.89 -9.16
CA ALA A 403 -21.66 -9.60 -9.08
C ALA A 403 -22.43 -8.65 -8.19
N TRP A 404 -21.76 -7.59 -7.77
CA TRP A 404 -22.31 -6.59 -6.84
C TRP A 404 -21.86 -5.20 -7.19
N ALA A 405 -22.61 -4.21 -6.75
CA ALA A 405 -22.23 -2.80 -6.93
C ALA A 405 -22.95 -1.91 -5.95
N ASN A 406 -22.25 -0.89 -5.44
CA ASN A 406 -22.79 0.08 -4.48
C ASN A 406 -22.81 1.48 -5.04
N LEU A 407 -23.71 2.30 -4.51
CA LEU A 407 -23.94 3.65 -5.00
C LEU A 407 -24.30 4.54 -3.82
N MET A 408 -23.58 5.66 -3.66
CA MET A 408 -23.99 6.71 -2.72
C MET A 408 -25.24 7.38 -3.30
N LEU A 409 -26.25 7.58 -2.46
CA LEU A 409 -27.51 8.24 -2.90
C LEU A 409 -27.34 9.75 -3.04
N PHE A 410 -26.52 10.34 -2.17
CA PHE A 410 -26.11 11.74 -2.27
C PHE A 410 -24.73 11.80 -2.91
N ASP A 411 -24.46 12.90 -3.64
CA ASP A 411 -23.17 13.07 -4.31
C ASP A 411 -22.18 13.84 -3.42
N TYR A 412 -20.98 14.08 -3.95
CA TYR A 412 -19.92 14.77 -3.21
C TYR A 412 -20.20 16.23 -2.82
N LYS A 413 -21.16 16.88 -3.50
CA LYS A 413 -21.60 18.25 -3.17
C LYS A 413 -22.91 18.28 -2.36
N ASP A 414 -23.30 17.13 -1.81
CA ASP A 414 -24.48 16.96 -0.95
C ASP A 414 -25.83 16.91 -1.69
N GLN A 415 -25.82 16.86 -3.03
CA GLN A 415 -27.07 16.81 -3.79
C GLN A 415 -27.57 15.37 -3.85
N LEU A 416 -28.84 15.16 -3.49
CA LEU A 416 -29.52 13.88 -3.71
C LEU A 416 -29.56 13.60 -5.21
N LYS A 417 -29.05 12.44 -5.61
CA LYS A 417 -28.88 12.11 -7.03
C LYS A 417 -30.22 11.84 -7.69
N THR A 418 -30.34 12.29 -8.95
CA THR A 418 -31.50 12.00 -9.77
C THR A 418 -31.02 11.58 -11.16
N GLY A 419 -31.85 10.80 -11.85
CA GLY A 419 -31.57 10.38 -13.22
C GLY A 419 -30.93 9.02 -13.33
N GLU A 420 -30.51 8.67 -14.54
CA GLU A 420 -29.98 7.34 -14.84
C GLU A 420 -28.57 7.18 -14.32
N ARG A 421 -28.23 5.95 -13.95
CA ARG A 421 -26.86 5.59 -13.60
C ARG A 421 -26.53 4.26 -14.23
N CYS A 422 -25.28 4.11 -14.68
CA CYS A 422 -24.76 2.85 -15.17
C CYS A 422 -23.72 2.37 -14.16
N LEU A 423 -24.10 1.38 -13.35
CA LEU A 423 -23.24 0.84 -12.30
C LEU A 423 -22.49 -0.36 -12.87
N TYR A 424 -21.20 -0.20 -13.14
CA TYR A 424 -20.37 -1.29 -13.62
C TYR A 424 -19.96 -2.12 -12.41
N MET A 425 -20.32 -3.41 -12.44
CA MET A 425 -20.29 -4.27 -11.26
C MET A 425 -18.95 -4.95 -11.04
N TRP A 426 -18.75 -5.37 -9.80
CA TRP A 426 -17.61 -6.18 -9.37
C TRP A 426 -18.10 -7.58 -9.17
N PRO A 427 -17.32 -8.59 -9.59
CA PRO A 427 -17.78 -9.97 -9.38
C PRO A 427 -17.71 -10.39 -7.91
N SER A 428 -18.70 -11.15 -7.47
CA SER A 428 -18.81 -11.58 -6.09
C SER A 428 -17.83 -12.73 -5.88
N VAL A 429 -17.09 -12.68 -4.79
CA VAL A 429 -16.21 -13.75 -4.38
C VAL A 429 -16.97 -14.54 -3.32
N PRO A 430 -17.05 -15.86 -3.47
CA PRO A 430 -17.71 -16.65 -2.43
C PRO A 430 -16.80 -16.75 -1.20
N ASP A 431 -17.23 -16.13 -0.10
CA ASP A 431 -16.54 -16.19 1.19
C ASP A 431 -17.40 -16.91 2.24
N GLU A 432 -16.83 -17.11 3.43
CA GLU A 432 -17.47 -17.89 4.51
C GLU A 432 -18.79 -17.29 4.98
N LYS A 433 -18.78 -16.00 5.29
CA LYS A 433 -20.00 -15.26 5.65
C LYS A 433 -20.69 -14.80 4.36
N GLY A 434 -21.49 -15.69 3.78
CA GLY A 434 -22.17 -15.41 2.51
C GLY A 434 -23.38 -14.51 2.66
N GLU A 435 -23.13 -13.22 2.84
CA GLU A 435 -24.20 -12.23 2.99
C GLU A 435 -24.87 -11.94 1.64
N LEU A 436 -26.14 -11.55 1.68
CA LEU A 436 -26.93 -11.22 0.49
C LEU A 436 -26.27 -10.11 -0.34
N LEU A 437 -25.81 -9.07 0.36
CA LEU A 437 -25.25 -7.87 -0.26
C LEU A 437 -23.83 -7.62 0.27
N ASN A 438 -23.16 -6.62 -0.30
CA ASN A 438 -21.77 -6.28 0.05
C ASN A 438 -21.65 -4.77 0.40
N PRO A 439 -22.30 -4.36 1.52
CA PRO A 439 -22.34 -2.93 1.87
C PRO A 439 -20.99 -2.28 2.19
N THR A 440 -20.02 -3.07 2.67
CA THR A 440 -18.69 -2.56 2.99
C THR A 440 -17.85 -2.28 1.74
N GLY A 441 -18.18 -2.93 0.63
CA GLY A 441 -17.48 -2.73 -0.64
C GLY A 441 -17.53 -1.29 -1.15
N THR A 442 -16.58 -0.99 -2.03
CA THR A 442 -16.37 0.37 -2.52
C THR A 442 -17.57 0.88 -3.35
N VAL A 443 -17.85 2.18 -3.21
CA VAL A 443 -18.87 2.85 -4.02
C VAL A 443 -18.38 3.26 -5.41
N ARG A 444 -17.08 3.14 -5.67
CA ARG A 444 -16.51 3.43 -7.00
C ARG A 444 -16.85 2.31 -7.99
N SER A 445 -16.99 2.69 -9.26
CA SER A 445 -17.37 1.76 -10.31
C SER A 445 -16.15 0.95 -10.78
N ASN A 446 -16.41 -0.26 -11.26
CA ASN A 446 -15.40 -1.12 -11.86
C ASN A 446 -14.83 -0.37 -13.07
N PRO A 447 -13.50 -0.09 -13.08
CA PRO A 447 -12.93 0.68 -14.22
C PRO A 447 -12.82 -0.10 -15.54
N ASN A 448 -13.01 -1.41 -15.51
CA ASN A 448 -13.05 -2.22 -16.75
C ASN A 448 -14.43 -2.08 -17.41
N THR A 449 -14.71 -0.87 -17.92
CA THR A 449 -16.00 -0.58 -18.57
C THR A 449 -16.17 -1.31 -19.89
N ASP A 450 -15.05 -1.71 -20.51
CA ASP A 450 -15.07 -2.50 -21.76
C ASP A 450 -15.84 -3.82 -21.65
N SER A 451 -15.53 -4.60 -20.62
CA SER A 451 -15.95 -6.01 -20.51
C SER A 451 -16.77 -6.39 -19.26
N ALA A 452 -16.79 -5.56 -18.23
CA ALA A 452 -17.44 -5.94 -16.96
C ALA A 452 -18.95 -5.76 -17.03
N ALA A 453 -19.67 -6.60 -16.29
CA ALA A 453 -21.13 -6.55 -16.24
C ALA A 453 -21.62 -5.22 -15.67
N ALA A 454 -22.79 -4.77 -16.12
CA ALA A 454 -23.35 -3.48 -15.70
C ALA A 454 -24.84 -3.59 -15.40
N LEU A 455 -25.28 -2.79 -14.43
CA LEU A 455 -26.71 -2.58 -14.15
C LEU A 455 -27.00 -1.14 -14.47
N LEU A 456 -28.09 -0.92 -15.22
CA LEU A 456 -28.61 0.40 -15.49
C LEU A 456 -29.82 0.64 -14.60
N ILE A 457 -29.77 1.73 -13.83
CA ILE A 457 -30.85 2.11 -12.92
C ILE A 457 -31.23 3.57 -13.16
N CYS A 458 -32.41 3.94 -12.66
CA CYS A 458 -32.87 5.32 -12.73
C CYS A 458 -33.40 5.80 -11.38
N LEU A 459 -32.75 6.82 -10.83
CA LEU A 459 -33.23 7.51 -9.64
C LEU A 459 -34.26 8.54 -10.10
N PRO A 460 -35.50 8.48 -9.56
CA PRO A 460 -36.54 9.38 -10.05
C PRO A 460 -36.40 10.82 -9.56
N GLU A 461 -37.17 11.71 -10.18
CA GLU A 461 -37.21 13.12 -9.78
C GLU A 461 -38.07 13.28 -8.54
N VAL A 462 -37.47 13.79 -7.47
CA VAL A 462 -38.16 14.01 -6.19
C VAL A 462 -38.85 15.37 -6.10
N ALA A 463 -38.30 16.36 -6.80
CA ALA A 463 -38.81 17.74 -6.77
C ALA A 463 -38.49 18.47 -8.08
N PRO A 464 -39.14 19.63 -8.33
CA PRO A 464 -38.85 20.39 -9.56
C PRO A 464 -37.43 20.99 -9.60
N HIS A 465 -36.89 21.34 -8.44
CA HIS A 465 -35.52 21.84 -8.28
C HIS A 465 -34.69 20.88 -7.46
N PRO A 466 -33.34 20.96 -7.56
CA PRO A 466 -32.50 20.00 -6.83
C PRO A 466 -32.60 20.14 -5.31
N VAL A 467 -32.39 19.02 -4.60
CA VAL A 467 -32.51 18.95 -3.14
C VAL A 467 -31.19 18.52 -2.53
N TYR A 468 -30.73 19.26 -1.52
CA TYR A 468 -29.47 18.99 -0.82
C TYR A 468 -29.76 18.43 0.56
N TYR A 469 -28.80 17.65 1.09
CA TYR A 469 -28.85 17.24 2.50
C TYR A 469 -28.67 18.53 3.32
N PRO A 470 -29.53 18.75 4.34
CA PRO A 470 -29.48 20.01 5.09
C PRO A 470 -28.10 20.38 5.61
N ALA A 471 -27.75 21.67 5.51
CA ALA A 471 -26.48 22.19 6.03
C ALA A 471 -26.41 22.05 7.54
N LEU A 472 -25.20 22.10 8.07
CA LEU A 472 -24.94 21.91 9.51
C LEU A 472 -25.83 22.78 10.41
N GLU A 473 -26.09 24.02 10.00
CA GLU A 473 -26.93 24.96 10.78
C GLU A 473 -28.35 24.44 10.99
N LYS A 474 -28.94 23.86 9.93
CA LYS A 474 -30.29 23.28 10.02
C LYS A 474 -30.30 21.99 10.85
N ILE A 475 -29.21 21.23 10.81
CA ILE A 475 -29.06 20.00 11.62
C ILE A 475 -29.03 20.34 13.11
N LEU A 476 -28.20 21.32 13.49
CA LEU A 476 -28.15 21.79 14.88
C LEU A 476 -29.42 22.51 15.34
N GLU A 477 -30.16 23.11 14.39
CA GLU A 477 -31.45 23.74 14.69
C GLU A 477 -32.51 22.71 15.08
N LEU A 478 -32.65 21.67 14.27
CA LEU A 478 -33.51 20.52 14.58
C LEU A 478 -32.96 19.66 15.74
N GLY A 479 -31.64 19.66 15.89
CA GLY A 479 -30.95 18.78 16.85
C GLY A 479 -31.10 19.07 18.33
N ARG A 480 -31.38 20.32 18.69
CA ARG A 480 -31.51 20.74 20.10
C ARG A 480 -32.72 20.13 20.81
N HIS A 481 -32.57 19.91 22.12
CA HIS A 481 -33.58 19.26 22.99
C HIS A 481 -33.94 17.86 22.55
N THR A 488 -33.00 9.26 36.19
CA THR A 488 -33.06 8.77 37.56
C THR A 488 -31.82 7.95 37.95
N GLU A 489 -31.67 7.69 39.25
CA GLU A 489 -30.50 6.98 39.77
C GLU A 489 -30.48 5.48 39.40
N GLU A 490 -31.66 4.90 39.20
CA GLU A 490 -31.79 3.49 38.80
C GLU A 490 -31.22 3.28 37.40
N GLU A 491 -31.74 4.04 36.43
CA GLU A 491 -31.27 3.98 35.04
C GLU A 491 -29.83 4.53 34.85
N GLN A 492 -29.38 5.39 35.77
CA GLN A 492 -27.96 5.80 35.84
C GLN A 492 -27.04 4.64 36.26
N LEU A 493 -27.52 3.80 37.18
CA LEU A 493 -26.80 2.58 37.58
C LEU A 493 -26.78 1.55 36.43
N GLN A 494 -27.87 1.47 35.67
CA GLN A 494 -27.98 0.59 34.50
C GLN A 494 -27.04 0.99 33.36
N LEU A 495 -26.85 2.30 33.17
CA LEU A 495 -25.94 2.82 32.14
C LEU A 495 -24.48 2.49 32.46
N ARG A 496 -24.09 2.76 33.71
CA ARG A 496 -22.74 2.43 34.23
C ARG A 496 -22.30 1.02 33.88
N GLU A 497 -23.13 0.04 34.25
CA GLU A 497 -22.82 -1.39 34.05
C GLU A 497 -22.84 -1.81 32.57
N ILE A 498 -23.76 -1.23 31.79
CA ILE A 498 -23.82 -1.47 30.34
C ILE A 498 -22.51 -1.07 29.63
N LEU A 499 -21.96 0.09 30.00
CA LEU A 499 -20.70 0.57 29.40
C LEU A 499 -19.42 -0.06 30.00
N GLU A 500 -19.56 -0.76 31.12
CA GLU A 500 -18.47 -1.55 31.72
C GLU A 500 -18.83 -3.04 31.68
N GLY A 505 -17.84 -6.56 23.04
CA GLY A 505 -19.18 -6.66 23.60
C GLY A 505 -20.15 -5.62 23.03
N GLU A 506 -20.69 -5.92 21.86
CA GLU A 506 -21.67 -5.05 21.18
C GLU A 506 -23.04 -5.18 21.85
N LEU A 507 -23.76 -4.07 21.94
CA LEU A 507 -24.99 -3.98 22.75
C LEU A 507 -26.19 -4.72 22.12
N TYR A 508 -27.04 -5.26 22.99
CA TYR A 508 -28.28 -5.91 22.58
C TYR A 508 -29.39 -4.85 22.45
N GLU A 509 -30.49 -5.24 21.81
CA GLU A 509 -31.57 -4.30 21.43
C GLU A 509 -32.18 -3.53 22.62
N HIS A 510 -32.41 -4.23 23.72
CA HIS A 510 -32.93 -3.61 24.96
C HIS A 510 -31.98 -2.60 25.56
N GLU A 511 -30.68 -2.84 25.43
CA GLU A 511 -29.64 -1.94 25.95
C GLU A 511 -29.50 -0.66 25.10
N LYS A 512 -29.65 -0.81 23.78
CA LYS A 512 -29.61 0.31 22.82
C LYS A 512 -30.62 1.42 23.15
N ASP A 513 -31.85 1.02 23.48
CA ASP A 513 -32.92 1.98 23.79
C ASP A 513 -32.72 2.75 25.12
N LEU A 514 -31.91 2.21 26.02
CA LEU A 514 -31.55 2.89 27.27
C LEU A 514 -30.47 3.94 27.03
N VAL A 515 -29.41 3.53 26.32
CA VAL A 515 -28.28 4.40 26.00
C VAL A 515 -28.73 5.63 25.19
N TRP A 516 -29.68 5.41 24.27
CA TRP A 516 -30.26 6.47 23.47
C TRP A 516 -31.02 7.48 24.31
N LYS A 517 -31.82 6.99 25.25
CA LYS A 517 -32.54 7.84 26.21
C LYS A 517 -31.56 8.66 27.07
N LEU A 518 -30.51 8.00 27.57
CA LEU A 518 -29.49 8.65 28.41
C LEU A 518 -28.26 9.07 27.59
N ARG A 519 -28.49 9.56 26.37
CA ARG A 519 -27.41 10.00 25.48
C ARG A 519 -26.73 11.27 25.97
N HIS A 520 -27.49 12.17 26.58
CA HIS A 520 -26.92 13.36 27.24
C HIS A 520 -26.03 12.98 28.41
N GLU A 521 -26.41 11.92 29.13
CA GLU A 521 -25.60 11.39 30.24
C GLU A 521 -24.29 10.76 29.74
N VAL A 522 -24.35 10.05 28.61
CA VAL A 522 -23.16 9.46 27.97
C VAL A 522 -22.14 10.52 27.56
N GLN A 523 -22.59 11.64 27.01
CA GLN A 523 -21.70 12.76 26.64
C GLN A 523 -21.01 13.36 27.87
N GLU A 524 -21.76 13.52 28.96
CA GLU A 524 -21.28 14.15 30.18
C GLU A 524 -20.33 13.25 30.97
N HIS A 525 -20.76 12.00 31.19
CA HIS A 525 -20.09 11.08 32.13
C HIS A 525 -19.24 10.01 31.48
N PHE A 526 -19.60 9.57 30.27
CA PHE A 526 -18.88 8.48 29.58
C PHE A 526 -18.43 8.88 28.17
N PRO A 527 -17.71 10.02 28.04
CA PRO A 527 -17.31 10.54 26.72
C PRO A 527 -16.57 9.53 25.84
N GLU A 528 -15.77 8.66 26.47
CA GLU A 528 -15.11 7.53 25.80
C GLU A 528 -16.05 6.51 25.14
N ALA A 529 -17.34 6.50 25.50
CA ALA A 529 -18.32 5.59 24.88
C ALA A 529 -19.07 6.17 23.65
N LEU A 530 -18.48 7.17 22.98
CA LEU A 530 -19.08 7.75 21.78
C LEU A 530 -19.37 6.69 20.72
N ALA A 531 -18.40 5.80 20.51
CA ALA A 531 -18.54 4.71 19.53
C ALA A 531 -19.79 3.86 19.76
N ARG A 532 -20.05 3.52 21.02
CA ARG A 532 -21.22 2.74 21.41
C ARG A 532 -22.54 3.49 21.14
N LEU A 533 -22.57 4.78 21.47
CA LEU A 533 -23.75 5.62 21.24
C LEU A 533 -24.08 5.82 19.76
N LEU A 534 -23.05 5.94 18.92
CA LEU A 534 -23.23 6.07 17.46
C LEU A 534 -23.85 4.82 16.83
N LEU A 535 -23.48 3.63 17.34
CA LEU A 535 -24.06 2.36 16.87
C LEU A 535 -25.53 2.18 17.29
N VAL A 536 -25.90 2.69 18.46
CA VAL A 536 -27.29 2.62 18.92
C VAL A 536 -28.19 3.66 18.23
N THR A 537 -27.61 4.71 17.66
CA THR A 537 -28.39 5.74 16.96
C THR A 537 -29.11 5.15 15.73
N LYS A 538 -30.38 5.51 15.57
CA LYS A 538 -31.19 5.03 14.45
C LYS A 538 -30.94 5.92 13.25
N TRP A 539 -30.03 5.49 12.37
CA TRP A 539 -29.61 6.28 11.21
C TRP A 539 -30.63 6.35 10.09
N ASN A 540 -31.71 5.56 10.20
CA ASN A 540 -32.90 5.66 9.33
C ASN A 540 -34.01 6.58 9.88
N LYS A 541 -33.66 7.51 10.77
CA LYS A 541 -34.58 8.53 11.27
C LYS A 541 -33.82 9.86 11.39
N HIS A 542 -34.21 10.85 10.57
CA HIS A 542 -33.50 12.13 10.49
C HIS A 542 -33.56 12.94 11.78
N GLU A 543 -34.66 12.82 12.52
CA GLU A 543 -34.76 13.41 13.87
C GLU A 543 -33.68 12.86 14.83
N ASP A 544 -33.44 11.56 14.81
CA ASP A 544 -32.43 10.92 15.66
C ASP A 544 -31.02 11.27 15.20
N VAL A 545 -30.81 11.20 13.88
CA VAL A 545 -29.54 11.61 13.26
C VAL A 545 -29.20 13.06 13.61
N ALA A 546 -30.18 13.96 13.52
CA ALA A 546 -30.00 15.36 13.89
C ALA A 546 -29.59 15.50 15.37
N GLN A 547 -30.30 14.81 16.25
CA GLN A 547 -29.99 14.82 17.68
C GLN A 547 -28.59 14.24 18.01
N MET A 548 -28.23 13.14 17.36
CA MET A 548 -26.90 12.53 17.58
C MET A 548 -25.77 13.44 17.12
N LEU A 549 -25.96 14.09 15.98
CA LEU A 549 -24.97 15.03 15.43
C LEU A 549 -24.88 16.34 16.24
N TYR A 550 -25.99 16.78 16.84
CA TYR A 550 -25.94 17.91 17.78
C TYR A 550 -25.00 17.64 18.96
N LEU A 551 -25.13 16.44 19.53
CA LEU A 551 -24.23 15.99 20.61
C LEU A 551 -22.80 15.87 20.10
N LEU A 552 -22.64 15.27 18.92
CA LEU A 552 -21.33 15.05 18.32
C LEU A 552 -20.50 16.33 18.15
N CYS A 553 -21.16 17.41 17.75
CA CYS A 553 -20.50 18.72 17.54
C CYS A 553 -19.92 19.34 18.82
N SER A 554 -20.59 19.15 19.95
CA SER A 554 -20.07 19.59 21.25
C SER A 554 -19.30 18.51 22.04
N TRP A 555 -19.09 17.33 21.44
CA TRP A 555 -18.49 16.18 22.14
C TRP A 555 -17.03 16.48 22.48
N PRO A 556 -16.57 16.17 23.71
CA PRO A 556 -15.16 16.47 24.04
C PRO A 556 -14.15 15.65 23.24
N GLU A 557 -12.95 16.20 23.05
CA GLU A 557 -11.90 15.52 22.29
C GLU A 557 -11.53 14.19 22.98
N LEU A 558 -11.38 13.13 22.18
CA LEU A 558 -11.06 11.80 22.71
C LEU A 558 -9.59 11.46 22.47
N PRO A 559 -9.02 10.53 23.28
CA PRO A 559 -7.63 10.11 23.06
C PRO A 559 -7.43 9.41 21.71
N VAL A 560 -6.18 9.33 21.29
CA VAL A 560 -5.79 8.76 20.00
C VAL A 560 -6.36 7.37 19.81
N LEU A 561 -6.26 6.58 20.87
CA LEU A 561 -6.77 5.21 20.91
C LEU A 561 -8.24 5.12 20.50
N SER A 562 -9.07 5.96 21.10
CA SER A 562 -10.51 6.01 20.78
C SER A 562 -10.77 6.51 19.35
N ALA A 563 -9.99 7.50 18.92
CA ALA A 563 -10.11 8.05 17.57
C ALA A 563 -9.87 6.97 16.50
N LEU A 564 -8.88 6.09 16.72
CA LEU A 564 -8.55 5.01 15.79
C LEU A 564 -9.76 4.08 15.55
N GLU A 565 -10.52 3.79 16.61
CA GLU A 565 -11.74 2.97 16.48
C GLU A 565 -12.78 3.63 15.59
N LEU A 566 -12.90 4.95 15.69
CA LEU A 566 -13.91 5.71 14.94
C LEU A 566 -13.63 5.82 13.44
N LEU A 567 -12.42 5.47 13.00
CA LEU A 567 -12.08 5.41 11.57
C LEU A 567 -12.58 4.16 10.84
N ASP A 568 -13.27 3.26 11.55
CA ASP A 568 -13.64 1.97 10.99
C ASP A 568 -14.93 2.10 10.17
N PHE A 569 -15.21 1.09 9.33
CA PHE A 569 -16.37 1.13 8.40
C PHE A 569 -17.74 1.27 9.08
N SER A 570 -17.83 0.90 10.36
CA SER A 570 -19.07 1.09 11.16
C SER A 570 -19.49 2.55 11.37
N PHE A 571 -18.59 3.50 11.15
CA PHE A 571 -18.84 4.92 11.41
C PHE A 571 -18.64 5.74 10.14
N PRO A 572 -19.52 5.56 9.15
CA PRO A 572 -19.34 6.20 7.85
C PRO A 572 -19.62 7.70 7.82
N ASP A 573 -20.42 8.21 8.76
CA ASP A 573 -20.85 9.61 8.75
C ASP A 573 -19.65 10.55 8.70
N CYS A 574 -19.75 11.57 7.85
CA CYS A 574 -18.66 12.52 7.60
C CYS A 574 -18.25 13.30 8.86
N HIS A 575 -19.22 13.64 9.70
CA HIS A 575 -18.94 14.34 10.96
C HIS A 575 -18.16 13.48 11.94
N VAL A 576 -18.42 12.17 11.93
CA VAL A 576 -17.68 11.24 12.80
C VAL A 576 -16.22 11.11 12.39
N GLY A 577 -15.99 10.88 11.10
CA GLY A 577 -14.63 10.85 10.53
C GLY A 577 -13.89 12.15 10.77
N SER A 578 -14.60 13.26 10.64
CA SER A 578 -14.05 14.59 10.91
C SER A 578 -13.65 14.75 12.38
N PHE A 579 -14.53 14.34 13.29
CA PHE A 579 -14.22 14.31 14.73
C PHE A 579 -13.02 13.40 15.05
N ALA A 580 -12.94 12.25 14.39
CA ALA A 580 -11.83 11.32 14.52
C ALA A 580 -10.49 11.94 14.17
N ILE A 581 -10.42 12.53 12.97
CA ILE A 581 -9.21 13.18 12.46
C ILE A 581 -8.78 14.30 13.40
N LYS A 582 -9.74 15.10 13.84
CA LYS A 582 -9.50 16.17 14.82
C LYS A 582 -8.74 15.67 16.05
N SER A 583 -9.13 14.51 16.57
CA SER A 583 -8.45 13.84 17.70
C SER A 583 -7.08 13.25 17.33
N LEU A 584 -6.91 12.86 16.07
CA LEU A 584 -5.63 12.34 15.56
C LEU A 584 -4.58 13.40 15.24
N ARG A 585 -4.97 14.68 15.16
CA ARG A 585 -4.01 15.78 14.92
C ARG A 585 -3.01 15.99 16.06
N LYS A 586 -3.36 15.54 17.26
CA LYS A 586 -2.44 15.41 18.42
C LYS A 586 -1.18 14.61 18.11
N LEU A 587 -1.29 13.63 17.20
CA LEU A 587 -0.22 12.67 16.94
C LEU A 587 1.10 13.32 16.57
N THR A 588 2.18 12.87 17.19
CA THR A 588 3.54 13.19 16.76
C THR A 588 3.82 12.41 15.48
N ASP A 589 4.82 12.85 14.73
CA ASP A 589 5.24 12.15 13.50
C ASP A 589 5.68 10.71 13.76
N ASP A 590 6.42 10.50 14.85
CA ASP A 590 6.85 9.14 15.27
C ASP A 590 5.69 8.19 15.56
N GLU A 591 4.64 8.68 16.23
CA GLU A 591 3.48 7.83 16.52
C GLU A 591 2.64 7.61 15.28
N LEU A 592 2.39 8.68 14.53
CA LEU A 592 1.66 8.58 13.27
C LEU A 592 2.25 7.53 12.36
N PHE A 593 3.57 7.53 12.23
CA PHE A 593 4.30 6.56 11.40
C PHE A 593 4.02 5.10 11.79
N GLN A 594 3.81 4.87 13.08
CA GLN A 594 3.42 3.54 13.57
C GLN A 594 2.03 3.11 13.07
N TYR A 595 1.14 4.08 12.81
CA TYR A 595 -0.24 3.80 12.34
C TYR A 595 -0.49 4.08 10.87
N LEU A 596 0.57 4.45 10.14
CA LEU A 596 0.43 4.94 8.78
C LEU A 596 -0.17 3.92 7.84
N LEU A 597 0.29 2.68 7.95
CA LEU A 597 -0.21 1.58 7.15
C LEU A 597 -1.73 1.44 7.30
N GLN A 598 -2.23 1.54 8.54
CA GLN A 598 -3.66 1.36 8.82
C GLN A 598 -4.48 2.55 8.31
N LEU A 599 -3.95 3.76 8.49
CA LEU A 599 -4.64 4.97 8.06
C LEU A 599 -4.81 5.00 6.54
N VAL A 600 -3.83 4.44 5.82
CA VAL A 600 -3.91 4.31 4.37
C VAL A 600 -4.97 3.30 3.93
N GLN A 601 -5.08 2.18 4.64
CA GLN A 601 -6.05 1.13 4.29
C GLN A 601 -7.50 1.58 4.47
N VAL A 602 -7.76 2.42 5.48
CA VAL A 602 -9.13 2.92 5.71
C VAL A 602 -9.63 3.92 4.65
N LEU A 603 -8.73 4.45 3.82
CA LEU A 603 -9.14 5.17 2.60
C LEU A 603 -10.05 4.34 1.68
N LYS A 604 -9.90 3.00 1.75
CA LYS A 604 -10.78 2.08 1.00
C LYS A 604 -12.23 2.06 1.48
N TYR A 605 -12.48 2.54 2.70
CA TYR A 605 -13.83 2.66 3.26
C TYR A 605 -14.50 4.03 2.98
N GLU A 606 -13.74 4.97 2.44
CA GLU A 606 -14.27 6.31 2.13
C GLU A 606 -15.24 6.26 0.95
N SER A 607 -16.19 7.18 0.94
CA SER A 607 -17.21 7.27 -0.10
C SER A 607 -16.80 8.24 -1.21
N TYR A 608 -16.35 9.43 -0.80
CA TYR A 608 -15.93 10.48 -1.72
C TYR A 608 -14.41 10.58 -1.79
N LEU A 609 -13.92 11.22 -2.84
CA LEU A 609 -12.48 11.40 -3.06
C LEU A 609 -11.94 12.47 -2.12
N ASP A 610 -12.57 13.64 -2.10
CA ASP A 610 -12.16 14.71 -1.16
C ASP A 610 -12.72 14.40 0.25
N CYS A 611 -11.87 13.88 1.13
CA CYS A 611 -12.25 13.58 2.52
C CYS A 611 -11.22 14.09 3.52
N GLU A 612 -11.65 14.22 4.78
CA GLU A 612 -10.78 14.68 5.88
C GLU A 612 -9.50 13.86 6.07
N LEU A 613 -9.61 12.55 5.95
CA LEU A 613 -8.47 11.65 6.12
C LEU A 613 -7.40 11.87 5.05
N THR A 614 -7.82 11.98 3.79
CA THR A 614 -6.89 12.28 2.69
C THR A 614 -6.17 13.60 2.94
N LYS A 615 -6.92 14.63 3.32
CA LYS A 615 -6.35 15.94 3.63
C LYS A 615 -5.33 15.86 4.77
N PHE A 616 -5.66 15.12 5.82
CA PHE A 616 -4.77 14.88 6.96
C PHE A 616 -3.48 14.19 6.56
N LEU A 617 -3.60 13.10 5.79
CA LEU A 617 -2.43 12.34 5.35
C LEU A 617 -1.49 13.16 4.46
N LEU A 618 -2.06 13.94 3.55
CA LEU A 618 -1.30 14.84 2.69
C LEU A 618 -0.65 15.95 3.52
N ASP A 619 -1.42 16.57 4.41
CA ASP A 619 -0.87 17.53 5.40
C ASP A 619 0.43 17.02 6.03
N ARG A 620 0.35 15.83 6.60
CA ARG A 620 1.49 15.25 7.32
C ARG A 620 2.61 14.83 6.37
N ALA A 621 2.23 14.34 5.18
CA ALA A 621 3.23 13.97 4.18
C ALA A 621 4.04 15.20 3.71
N LEU A 622 3.36 16.35 3.60
CA LEU A 622 4.01 17.61 3.19
C LEU A 622 4.85 18.26 4.29
N ALA A 623 4.54 18.00 5.57
CA ALA A 623 5.33 18.55 6.69
C ALA A 623 6.52 17.65 7.09
N ASN A 624 6.47 16.36 6.73
CA ASN A 624 7.52 15.40 7.06
C ASN A 624 7.83 14.48 5.87
N ARG A 625 9.05 14.59 5.35
CA ARG A 625 9.46 13.88 4.12
C ARG A 625 9.53 12.35 4.29
N LYS A 626 9.90 11.86 5.47
CA LYS A 626 9.84 10.42 5.79
C LYS A 626 8.41 9.90 5.72
N ILE A 627 7.46 10.63 6.31
CA ILE A 627 6.05 10.25 6.22
C ILE A 627 5.56 10.24 4.76
N GLY A 628 5.96 11.25 4.00
CA GLY A 628 5.62 11.33 2.57
C GLY A 628 6.20 10.18 1.77
N HIS A 629 7.46 9.83 2.06
CA HIS A 629 8.11 8.66 1.45
C HIS A 629 7.29 7.40 1.59
N PHE A 630 6.87 7.08 2.81
CA PHE A 630 6.18 5.81 3.07
C PHE A 630 4.71 5.88 2.69
N LEU A 631 4.09 7.06 2.79
CA LEU A 631 2.77 7.26 2.21
C LEU A 631 2.81 6.97 0.70
N PHE A 632 3.79 7.53 0.00
CA PHE A 632 3.92 7.27 -1.45
C PHE A 632 3.94 5.78 -1.78
N TRP A 633 4.86 5.03 -1.14
CA TRP A 633 5.01 3.59 -1.40
C TRP A 633 3.84 2.74 -0.98
N HIS A 634 3.16 3.10 0.10
CA HIS A 634 1.90 2.41 0.47
C HIS A 634 0.83 2.60 -0.56
N LEU A 635 0.73 3.81 -1.14
CA LEU A 635 -0.26 4.06 -2.22
C LEU A 635 0.20 3.44 -3.54
N ARG A 636 1.48 3.67 -3.90
CA ARG A 636 2.06 3.16 -5.15
C ARG A 636 1.99 1.65 -5.28
N SER A 637 2.28 0.94 -4.19
CA SER A 637 2.25 -0.51 -4.19
C SER A 637 0.87 -1.11 -4.42
N GLU A 638 -0.19 -0.29 -4.34
CA GLU A 638 -1.56 -0.74 -4.65
C GLU A 638 -2.18 -0.15 -5.94
N MET A 639 -1.40 0.55 -6.75
CA MET A 639 -1.92 1.11 -8.02
C MET A 639 -2.40 0.08 -9.06
N HIS A 640 -1.93 -1.17 -8.94
CA HIS A 640 -2.45 -2.27 -9.75
C HIS A 640 -3.84 -2.77 -9.35
N VAL A 641 -4.35 -2.37 -8.18
CA VAL A 641 -5.65 -2.83 -7.70
C VAL A 641 -6.76 -1.90 -8.20
N PRO A 642 -7.63 -2.36 -9.14
CA PRO A 642 -8.55 -1.43 -9.81
C PRO A 642 -9.52 -0.65 -8.91
N SER A 643 -9.86 -1.21 -7.76
CA SER A 643 -10.79 -0.54 -6.84
C SER A 643 -10.18 0.69 -6.18
N VAL A 644 -8.84 0.77 -6.13
CA VAL A 644 -8.16 1.92 -5.52
C VAL A 644 -7.27 2.74 -6.47
N ALA A 645 -7.07 2.27 -7.71
CA ALA A 645 -6.16 2.93 -8.69
C ALA A 645 -6.45 4.42 -8.87
N LEU A 646 -7.74 4.75 -9.01
CA LEU A 646 -8.19 6.13 -9.18
C LEU A 646 -7.94 6.97 -7.94
N ARG A 647 -8.50 6.53 -6.81
CA ARG A 647 -8.32 7.25 -5.54
C ARG A 647 -6.86 7.44 -5.16
N PHE A 648 -6.09 6.36 -5.25
CA PHE A 648 -4.69 6.39 -4.84
C PHE A 648 -3.85 7.22 -5.80
N GLY A 649 -4.11 7.07 -7.10
CA GLY A 649 -3.45 7.88 -8.13
C GLY A 649 -3.62 9.39 -7.95
N LEU A 650 -4.84 9.79 -7.59
CA LEU A 650 -5.14 11.19 -7.32
C LEU A 650 -4.40 11.72 -6.10
N ILE A 651 -4.28 10.90 -5.05
CA ILE A 651 -3.52 11.32 -3.86
C ILE A 651 -2.04 11.44 -4.19
N LEU A 652 -1.52 10.47 -4.94
CA LEU A 652 -0.12 10.48 -5.38
C LEU A 652 0.22 11.70 -6.24
N GLU A 653 -0.68 12.08 -7.15
CA GLU A 653 -0.48 13.28 -7.98
C GLU A 653 -0.31 14.51 -7.09
N ALA A 654 -1.29 14.74 -6.21
CA ALA A 654 -1.25 15.89 -5.31
C ALA A 654 0.01 15.85 -4.44
N TYR A 655 0.31 14.70 -3.87
CA TYR A 655 1.54 14.52 -3.08
C TYR A 655 2.79 14.94 -3.84
N CYS A 656 2.94 14.41 -5.05
CA CYS A 656 4.08 14.71 -5.92
C CYS A 656 4.26 16.21 -6.17
N ARG A 657 3.16 16.90 -6.43
CA ARG A 657 3.21 18.35 -6.69
C ARG A 657 3.69 19.18 -5.50
N GLY A 658 3.41 18.69 -4.29
CA GLY A 658 3.94 19.33 -3.08
C GLY A 658 5.32 18.83 -2.65
N SER A 659 5.94 17.97 -3.46
CA SER A 659 7.16 17.25 -3.07
C SER A 659 8.08 17.01 -4.27
N THR A 660 8.45 18.09 -4.96
CA THR A 660 9.32 18.02 -6.15
C THR A 660 10.71 17.44 -5.85
N HIS A 661 11.25 17.72 -4.66
CA HIS A 661 12.57 17.20 -4.25
C HIS A 661 12.54 15.70 -4.11
N HIS A 662 11.53 15.18 -3.43
CA HIS A 662 11.44 13.74 -3.20
C HIS A 662 11.02 13.00 -4.45
N MET A 663 10.21 13.63 -5.31
CA MET A 663 9.92 13.10 -6.66
C MET A 663 11.19 12.59 -7.34
N LYS A 664 12.26 13.38 -7.27
CA LYS A 664 13.54 13.00 -7.89
C LYS A 664 14.11 11.73 -7.25
N VAL A 665 14.04 11.64 -5.92
CA VAL A 665 14.48 10.43 -5.20
C VAL A 665 13.58 9.23 -5.52
N LEU A 666 12.27 9.44 -5.52
CA LEU A 666 11.32 8.36 -5.84
C LEU A 666 11.47 7.87 -7.29
N MET A 667 11.77 8.79 -8.21
CA MET A 667 12.02 8.44 -9.62
C MET A 667 13.20 7.46 -9.74
N LYS A 668 14.33 7.80 -9.11
CA LYS A 668 15.50 6.91 -9.07
C LYS A 668 15.16 5.52 -8.52
N GLN A 669 14.36 5.47 -7.47
CA GLN A 669 13.95 4.20 -6.87
C GLN A 669 13.09 3.37 -7.81
N GLY A 670 12.09 4.00 -8.42
CA GLY A 670 11.21 3.33 -9.40
C GLY A 670 11.96 2.68 -10.57
N GLU A 671 13.02 3.34 -11.02
CA GLU A 671 13.84 2.86 -12.14
C GLU A 671 14.74 1.71 -11.71
N ALA A 672 15.36 1.84 -10.53
CA ALA A 672 16.04 0.69 -9.88
C ALA A 672 15.11 -0.51 -9.80
N LEU A 673 13.91 -0.28 -9.25
CA LEU A 673 12.92 -1.35 -9.06
C LEU A 673 12.46 -1.99 -10.36
N SER A 674 12.40 -1.22 -11.44
CA SER A 674 12.01 -1.72 -12.75
C SER A 674 13.10 -2.59 -13.36
N LYS A 675 14.36 -2.19 -13.16
CA LYS A 675 15.50 -3.02 -13.56
C LYS A 675 15.60 -4.33 -12.76
N LEU A 676 15.32 -4.27 -11.46
CA LEU A 676 15.34 -5.48 -10.61
C LEU A 676 14.27 -6.48 -11.05
N LYS A 677 13.08 -5.99 -11.41
CA LYS A 677 12.01 -6.83 -11.94
C LYS A 677 12.47 -7.63 -13.15
N ALA A 678 13.06 -6.94 -14.14
CA ALA A 678 13.56 -7.60 -15.35
C ALA A 678 14.74 -8.52 -15.05
N LEU A 679 15.64 -8.09 -14.16
CA LEU A 679 16.75 -8.92 -13.69
C LEU A 679 16.25 -10.19 -13.00
N ASN A 680 15.21 -10.06 -12.17
CA ASN A 680 14.62 -11.22 -11.48
C ASN A 680 13.88 -12.15 -12.45
N ASP A 681 13.22 -11.59 -13.45
CA ASP A 681 12.52 -12.38 -14.49
C ASP A 681 13.50 -13.23 -15.28
N PHE A 682 14.63 -12.63 -15.66
CA PHE A 682 15.73 -13.35 -16.31
C PHE A 682 16.25 -14.51 -15.43
N VAL A 683 16.40 -14.25 -14.13
CA VAL A 683 16.94 -15.25 -13.19
C VAL A 683 15.96 -16.40 -12.97
N LYS A 684 14.66 -16.11 -12.84
CA LYS A 684 13.62 -17.16 -12.80
C LYS A 684 13.69 -18.06 -14.03
N LEU A 685 13.76 -17.43 -15.20
CA LEU A 685 13.85 -18.12 -16.50
C LEU A 685 15.13 -18.96 -16.63
N SER A 686 16.25 -18.40 -16.18
CA SER A 686 17.55 -19.08 -16.26
C SER A 686 17.70 -20.22 -15.25
N SER A 687 17.21 -20.02 -14.03
CA SER A 687 17.31 -21.01 -12.95
C SER A 687 16.68 -22.37 -13.26
N GLN A 688 15.56 -22.35 -13.98
CA GLN A 688 14.89 -23.59 -14.42
C GLN A 688 15.64 -24.35 -15.53
N LYS A 689 16.56 -23.66 -16.22
CA LYS A 689 17.35 -24.26 -17.31
C LYS A 689 18.70 -24.78 -16.82
N THR A 690 19.54 -23.87 -16.30
CA THR A 690 20.95 -24.16 -15.95
C THR A 690 21.18 -24.27 -14.44
N PRO A 691 22.35 -24.81 -14.03
CA PRO A 691 22.73 -24.78 -12.60
C PRO A 691 23.08 -23.37 -12.09
N LYS A 692 23.06 -23.22 -10.77
CA LYS A 692 23.12 -21.90 -10.11
C LYS A 692 24.37 -21.04 -10.38
N PRO A 693 25.58 -21.62 -10.31
CA PRO A 693 26.80 -20.84 -10.58
C PRO A 693 26.83 -20.11 -11.93
N GLN A 694 26.31 -20.76 -12.98
CA GLN A 694 26.22 -20.17 -14.32
C GLN A 694 25.15 -19.07 -14.38
N THR A 695 23.98 -19.33 -13.78
CA THR A 695 22.89 -18.34 -13.68
C THR A 695 23.35 -17.09 -12.92
N LYS A 696 24.10 -17.31 -11.83
CA LYS A 696 24.72 -16.23 -11.05
C LYS A 696 25.67 -15.36 -11.90
N GLU A 697 26.47 -16.00 -12.75
CA GLU A 697 27.38 -15.27 -13.65
C GLU A 697 26.61 -14.52 -14.76
N LEU A 698 25.55 -15.15 -15.28
CA LEU A 698 24.66 -14.51 -16.25
C LEU A 698 23.85 -13.34 -15.65
N MET A 699 23.52 -13.45 -14.36
CA MET A 699 22.91 -12.36 -13.60
C MET A 699 23.87 -11.16 -13.56
N HIS A 700 25.14 -11.42 -13.26
CA HIS A 700 26.16 -10.36 -13.15
C HIS A 700 26.45 -9.65 -14.45
N LEU A 701 26.43 -10.38 -15.57
CA LEU A 701 26.66 -9.80 -16.90
C LEU A 701 25.50 -8.88 -17.32
N CYS A 702 24.28 -9.29 -17.01
CA CYS A 702 23.09 -8.45 -17.19
C CYS A 702 23.15 -7.18 -16.33
N MET A 703 23.72 -7.30 -15.13
CA MET A 703 23.85 -6.18 -14.18
C MET A 703 24.89 -5.14 -14.59
N ARG A 704 25.98 -5.58 -15.21
CA ARG A 704 27.10 -4.68 -15.57
C ARG A 704 26.87 -3.86 -16.87
N GLN A 705 25.76 -4.10 -17.57
CA GLN A 705 25.32 -3.23 -18.66
C GLN A 705 25.09 -1.83 -18.12
N GLU A 706 25.58 -0.83 -18.87
CA GLU A 706 25.60 0.57 -18.45
C GLU A 706 24.27 1.05 -17.86
N ALA A 707 23.19 0.81 -18.60
CA ALA A 707 21.85 1.25 -18.21
C ALA A 707 21.34 0.54 -16.94
N TYR A 708 21.63 -0.76 -16.81
CA TYR A 708 21.33 -1.51 -15.59
C TYR A 708 22.11 -0.98 -14.39
N LEU A 709 23.43 -0.93 -14.52
CA LEU A 709 24.32 -0.55 -13.42
C LEU A 709 24.04 0.86 -12.89
N GLU A 710 23.82 1.81 -13.80
CA GLU A 710 23.52 3.20 -13.42
C GLU A 710 22.16 3.31 -12.72
N ALA A 711 21.18 2.60 -13.24
CA ALA A 711 19.84 2.56 -12.64
C ALA A 711 19.83 1.87 -11.27
N LEU A 712 20.66 0.84 -11.10
CA LEU A 712 20.80 0.14 -9.81
C LEU A 712 21.74 0.79 -8.79
N SER A 713 22.54 1.78 -9.21
CA SER A 713 23.53 2.43 -8.35
C SER A 713 23.12 3.83 -7.93
N HIS A 714 23.63 4.26 -6.78
CA HIS A 714 23.46 5.63 -6.26
C HIS A 714 22.02 6.06 -6.14
N LEU A 715 21.31 5.40 -5.24
CA LEU A 715 19.93 5.75 -4.92
C LEU A 715 19.75 5.72 -3.42
N GLN A 716 18.76 6.45 -2.92
CA GLN A 716 18.29 6.32 -1.56
C GLN A 716 17.45 5.06 -1.49
N SER A 717 17.63 4.29 -0.42
CA SER A 717 16.91 3.02 -0.27
C SER A 717 15.42 3.28 -0.06
N PRO A 718 14.56 2.51 -0.77
CA PRO A 718 13.13 2.58 -0.45
C PRO A 718 12.79 2.16 0.99
N LEU A 719 13.55 1.21 1.54
CA LEU A 719 13.33 0.73 2.92
C LEU A 719 13.61 1.81 3.97
N ASP A 720 14.52 2.71 3.66
CA ASP A 720 14.93 3.77 4.56
C ASP A 720 15.62 4.88 3.74
N PRO A 721 14.90 5.98 3.43
CA PRO A 721 15.46 6.99 2.53
C PRO A 721 16.72 7.72 3.04
N SER A 722 16.99 7.66 4.34
CA SER A 722 18.26 8.14 4.89
C SER A 722 19.46 7.23 4.55
N THR A 723 19.23 5.93 4.32
CA THR A 723 20.30 5.02 3.88
C THR A 723 20.59 5.19 2.38
N LEU A 724 21.86 5.43 2.06
CA LEU A 724 22.31 5.53 0.67
C LEU A 724 22.78 4.17 0.16
N LEU A 725 22.21 3.73 -0.95
CA LEU A 725 22.68 2.55 -1.68
C LEU A 725 23.61 3.06 -2.77
N ALA A 726 24.90 3.10 -2.47
CA ALA A 726 25.90 3.70 -3.35
C ALA A 726 26.27 2.76 -4.52
N GLU A 727 27.42 2.09 -4.43
CA GLU A 727 27.95 1.26 -5.52
C GLU A 727 27.48 -0.18 -5.37
N VAL A 728 26.98 -0.77 -6.46
CA VAL A 728 26.56 -2.16 -6.47
C VAL A 728 27.79 -3.06 -6.46
N CYS A 729 27.91 -3.91 -5.44
CA CYS A 729 28.96 -4.95 -5.39
C CYS A 729 28.45 -6.16 -6.17
N VAL A 730 28.60 -6.09 -7.50
CA VAL A 730 28.02 -7.06 -8.44
C VAL A 730 28.43 -8.51 -8.12
N GLU A 731 29.70 -8.71 -7.76
CA GLU A 731 30.20 -10.05 -7.41
C GLU A 731 29.57 -10.62 -6.13
N GLN A 732 29.11 -9.75 -5.24
CA GLN A 732 28.41 -10.16 -4.01
C GLN A 732 26.90 -10.37 -4.22
N CYS A 733 26.34 -9.84 -5.30
CA CYS A 733 24.94 -10.06 -5.64
C CYS A 733 24.67 -11.52 -6.03
N THR A 734 23.53 -12.04 -5.58
CA THR A 734 23.09 -13.39 -5.95
C THR A 734 21.57 -13.49 -5.81
N PHE A 735 21.03 -14.71 -5.80
CA PHE A 735 19.62 -14.95 -5.52
C PHE A 735 19.44 -16.15 -4.58
N MET A 736 18.28 -16.22 -3.93
CA MET A 736 17.97 -17.25 -2.94
C MET A 736 17.20 -18.40 -3.59
N ASP A 737 17.29 -19.59 -2.99
CA ASP A 737 16.78 -20.82 -3.61
C ASP A 737 15.27 -21.10 -3.45
N SER A 738 14.53 -20.21 -2.76
CA SER A 738 13.06 -20.36 -2.65
C SER A 738 12.35 -20.19 -4.01
N LYS A 739 11.04 -20.49 -4.04
CA LYS A 739 10.24 -20.57 -5.28
C LYS A 739 10.36 -19.36 -6.24
N MET A 740 10.32 -18.15 -5.68
CA MET A 740 10.34 -16.91 -6.47
C MET A 740 11.73 -16.40 -6.86
N LYS A 741 12.77 -17.08 -6.40
CA LYS A 741 14.16 -16.70 -6.70
C LYS A 741 14.43 -15.24 -6.34
N PRO A 742 14.21 -14.87 -5.07
CA PRO A 742 14.40 -13.46 -4.70
C PRO A 742 15.87 -13.07 -4.83
N LEU A 743 16.10 -11.86 -5.33
CA LEU A 743 17.45 -11.36 -5.56
C LEU A 743 18.02 -10.77 -4.29
N TRP A 744 19.31 -11.03 -4.08
CA TRP A 744 20.08 -10.58 -2.93
C TRP A 744 21.08 -9.60 -3.50
N ILE A 745 20.86 -8.30 -3.26
CA ILE A 745 21.64 -7.23 -3.89
C ILE A 745 22.46 -6.49 -2.82
N MET A 746 23.79 -6.58 -2.91
CA MET A 746 24.73 -5.91 -2.01
C MET A 746 25.21 -4.55 -2.52
N TYR A 747 25.36 -3.62 -1.58
CA TYR A 747 25.89 -2.28 -1.84
C TYR A 747 27.02 -1.94 -0.87
N SER A 748 27.90 -1.05 -1.31
CA SER A 748 28.94 -0.48 -0.45
C SER A 748 28.92 1.05 -0.55
N ASN A 749 29.11 1.73 0.58
CA ASN A 749 29.18 3.20 0.64
C ASN A 749 30.30 3.69 1.59
N GLU A 750 29.98 4.21 2.78
CA GLU A 750 30.97 4.78 3.71
C GLU A 750 30.52 4.64 5.18
N GLU A 751 31.37 4.01 6.01
CA GLU A 751 31.10 3.85 7.45
C GLU A 751 31.58 5.07 8.22
N SER A 757 28.70 -1.26 4.07
CA SER A 757 28.06 -2.43 3.50
C SER A 757 26.58 -2.54 3.91
N VAL A 758 25.68 -2.58 2.92
CA VAL A 758 24.23 -2.75 3.15
C VAL A 758 23.64 -3.57 2.02
N GLY A 759 22.57 -4.32 2.33
CA GLY A 759 21.96 -5.25 1.39
C GLY A 759 20.45 -5.12 1.34
N ILE A 760 19.89 -5.49 0.19
CA ILE A 760 18.44 -5.55 0.02
C ILE A 760 18.09 -6.85 -0.69
N ILE A 761 16.92 -7.39 -0.35
CA ILE A 761 16.35 -8.52 -1.05
C ILE A 761 15.19 -7.97 -1.87
N PHE A 762 15.25 -8.17 -3.19
CA PHE A 762 14.13 -7.86 -4.08
C PHE A 762 13.36 -9.15 -4.27
N LYS A 763 12.06 -9.13 -3.98
CA LYS A 763 11.21 -10.31 -4.11
C LYS A 763 10.00 -9.99 -5.00
N ASN A 764 9.82 -10.78 -6.05
CA ASN A 764 8.68 -10.66 -6.95
C ASN A 764 7.96 -11.99 -7.09
N GLY A 765 6.68 -12.02 -6.72
CA GLY A 765 5.85 -13.22 -6.85
C GLY A 765 4.92 -13.42 -5.66
N ASP A 766 5.34 -12.96 -4.48
CA ASP A 766 4.52 -12.98 -3.28
C ASP A 766 4.09 -11.57 -2.89
N ASP A 767 2.90 -11.50 -2.29
CA ASP A 767 2.41 -10.27 -1.66
C ASP A 767 3.09 -10.20 -0.29
N LEU A 768 3.91 -9.17 -0.07
CA LEU A 768 4.68 -9.01 1.18
C LEU A 768 3.96 -8.18 2.27
N ARG A 769 2.70 -7.82 2.04
CA ARG A 769 1.96 -6.91 2.94
C ARG A 769 1.77 -7.51 4.34
N GLN A 770 1.39 -8.78 4.35
CA GLN A 770 1.33 -9.62 5.53
C GLN A 770 2.62 -9.52 6.37
N ASP A 771 3.76 -9.74 5.71
CA ASP A 771 5.05 -9.65 6.37
C ASP A 771 5.29 -8.26 6.91
N MET A 772 4.95 -7.22 6.13
CA MET A 772 5.14 -5.84 6.56
C MET A 772 4.29 -5.58 7.80
N LEU A 773 3.04 -6.02 7.78
CA LEU A 773 2.14 -5.84 8.93
C LEU A 773 2.74 -6.47 10.20
N THR A 774 3.20 -7.71 10.06
CA THR A 774 3.79 -8.47 11.16
C THR A 774 5.03 -7.79 11.74
N LEU A 775 5.92 -7.36 10.85
CA LEU A 775 7.14 -6.65 11.23
C LEU A 775 6.88 -5.27 11.87
N GLN A 776 5.82 -4.60 11.42
CA GLN A 776 5.40 -3.32 12.02
C GLN A 776 4.84 -3.54 13.43
N MET A 777 4.04 -4.59 13.59
CA MET A 777 3.54 -4.96 14.92
C MET A 777 4.66 -5.32 15.89
N ILE A 778 5.65 -6.06 15.41
CA ILE A 778 6.83 -6.42 16.20
C ILE A 778 7.65 -5.17 16.57
N GLN A 779 7.70 -4.22 15.64
CA GLN A 779 8.36 -2.94 15.87
C GLN A 779 7.59 -2.10 16.91
N LEU A 780 6.26 -2.08 16.78
CA LEU A 780 5.39 -1.44 17.78
C LEU A 780 5.58 -2.07 19.16
N MET A 781 5.62 -3.39 19.23
CA MET A 781 5.94 -4.14 20.48
C MET A 781 7.24 -3.63 21.07
N ASP A 782 8.28 -3.65 20.25
CA ASP A 782 9.61 -3.13 20.62
C ASP A 782 9.55 -1.72 21.20
N VAL A 783 8.82 -0.81 20.56
CA VAL A 783 8.64 0.56 21.06
C VAL A 783 7.94 0.58 22.43
N LEU A 784 6.80 -0.12 22.53
CA LEU A 784 6.02 -0.18 23.76
C LEU A 784 6.84 -0.74 24.93
N TRP A 785 7.67 -1.75 24.66
CA TRP A 785 8.59 -2.29 25.66
C TRP A 785 9.66 -1.33 26.03
N LYS A 786 10.31 -0.73 25.02
CA LYS A 786 11.35 0.29 25.25
C LYS A 786 10.82 1.50 26.02
N GLN A 787 9.57 1.87 25.78
CA GLN A 787 8.90 2.95 26.55
C GLN A 787 8.79 2.68 28.05
N GLU A 788 8.71 1.41 28.46
CA GLU A 788 8.76 1.02 29.88
C GLU A 788 10.17 0.62 30.34
N GLY A 789 11.21 1.01 29.60
CA GLY A 789 12.60 0.70 29.94
C GLY A 789 13.06 -0.74 29.70
N LEU A 790 12.31 -1.50 28.90
CA LEU A 790 12.66 -2.88 28.57
C LEU A 790 13.11 -2.94 27.11
N ASP A 791 14.41 -3.12 26.89
CA ASP A 791 14.96 -3.34 25.55
C ASP A 791 15.19 -4.84 25.38
N LEU A 792 14.33 -5.48 24.59
CA LEU A 792 14.45 -6.91 24.30
C LEU A 792 15.28 -7.21 23.05
N ARG A 793 16.00 -6.21 22.54
CA ARG A 793 17.04 -6.39 21.52
C ARG A 793 16.52 -7.03 20.23
N MET A 794 15.41 -6.49 19.75
CA MET A 794 14.70 -7.02 18.60
C MET A 794 15.33 -6.58 17.29
N THR A 795 15.06 -7.32 16.22
CA THR A 795 15.53 -6.97 14.87
C THR A 795 14.32 -6.84 13.93
N PRO A 796 13.52 -5.77 14.11
CA PRO A 796 12.40 -5.55 13.22
C PRO A 796 12.94 -4.93 11.91
N TYR A 797 13.42 -5.80 11.03
CA TYR A 797 14.06 -5.40 9.77
C TYR A 797 13.03 -4.83 8.79
N GLY A 798 13.50 -3.98 7.88
CA GLY A 798 12.64 -3.33 6.89
C GLY A 798 11.99 -4.32 5.94
N CYS A 799 10.70 -4.10 5.69
CA CYS A 799 9.97 -4.79 4.62
C CYS A 799 9.02 -3.79 3.98
N LEU A 800 9.10 -3.62 2.65
CA LEU A 800 8.32 -2.61 1.92
C LEU A 800 7.73 -3.15 0.61
N PRO A 801 6.41 -3.38 0.57
CA PRO A 801 5.73 -3.60 -0.72
C PRO A 801 5.89 -2.36 -1.58
N THR A 802 6.37 -2.56 -2.81
CA THR A 802 6.57 -1.49 -3.79
C THR A 802 5.66 -1.58 -5.00
N GLY A 803 5.16 -2.79 -5.31
CA GLY A 803 4.32 -2.99 -6.50
C GLY A 803 3.42 -4.21 -6.42
N ASP A 804 2.96 -4.65 -7.60
CA ASP A 804 2.15 -5.87 -7.75
C ASP A 804 3.00 -7.08 -7.36
N ARG A 805 2.69 -7.68 -6.20
CA ARG A 805 3.43 -8.83 -5.64
C ARG A 805 4.94 -8.58 -5.70
N THR A 806 5.33 -7.36 -5.36
CA THR A 806 6.73 -6.93 -5.43
C THR A 806 7.05 -6.09 -4.21
N GLY A 807 8.24 -6.31 -3.67
CA GLY A 807 8.71 -5.54 -2.54
C GLY A 807 10.17 -5.77 -2.23
N LEU A 808 10.66 -5.04 -1.23
CA LEU A 808 12.04 -5.10 -0.78
C LEU A 808 12.07 -5.51 0.70
N ILE A 809 13.11 -6.26 1.07
CA ILE A 809 13.34 -6.73 2.43
C ILE A 809 14.77 -6.34 2.80
N GLU A 810 14.95 -5.77 3.99
CA GLU A 810 16.26 -5.33 4.45
C GLU A 810 17.09 -6.56 4.77
N VAL A 811 18.33 -6.60 4.31
CA VAL A 811 19.25 -7.66 4.67
C VAL A 811 19.84 -7.33 6.03
N VAL A 812 19.83 -8.31 6.93
CA VAL A 812 20.54 -8.22 8.20
C VAL A 812 21.87 -8.96 8.00
N LEU A 813 22.96 -8.20 7.92
CA LEU A 813 24.29 -8.78 7.74
C LEU A 813 24.78 -9.38 9.04
N ARG A 814 25.85 -10.16 8.96
CA ARG A 814 26.47 -10.82 10.11
C ARG A 814 25.44 -11.63 10.89
N SER A 815 24.68 -12.43 10.15
CA SER A 815 23.67 -13.31 10.72
C SER A 815 23.57 -14.59 9.89
N ASP A 816 23.11 -15.66 10.54
CA ASP A 816 22.94 -16.95 9.87
C ASP A 816 21.67 -17.61 10.40
N THR A 817 21.20 -18.63 9.68
CA THR A 817 20.02 -19.39 10.12
C THR A 817 20.47 -20.42 11.14
N ILE A 818 19.56 -20.79 12.04
CA ILE A 818 19.81 -21.83 13.05
C ILE A 818 20.21 -23.14 12.37
N ALA A 819 19.50 -23.49 11.30
CA ALA A 819 19.81 -24.69 10.48
C ALA A 819 21.26 -24.72 10.00
N ASN A 820 21.73 -23.60 9.46
CA ASN A 820 23.13 -23.50 9.01
C ASN A 820 24.15 -23.65 10.16
N ILE A 821 23.83 -23.10 11.32
CA ILE A 821 24.70 -23.14 12.50
C ILE A 821 24.74 -24.55 13.10
N GLN A 822 23.57 -25.18 13.20
CA GLN A 822 23.44 -26.55 13.72
C GLN A 822 23.97 -27.61 12.75
N LEU A 823 23.77 -27.41 11.45
CA LEU A 823 24.35 -28.27 10.41
C LEU A 823 25.88 -28.22 10.38
N ASN A 824 26.44 -27.04 10.70
CA ASN A 824 27.89 -26.78 10.69
C ASN A 824 28.51 -26.95 9.30
N ASN A 835 21.59 -32.60 20.93
CA ASN A 835 22.47 -32.52 22.10
C ASN A 835 23.86 -31.84 21.92
N LYS A 836 24.17 -31.37 20.71
CA LYS A 836 25.42 -30.63 20.46
C LYS A 836 25.34 -29.21 21.03
N ASP A 837 26.51 -28.63 21.32
CA ASP A 837 26.63 -27.23 21.72
C ASP A 837 27.02 -26.36 20.51
N ALA A 838 26.45 -26.66 19.34
CA ALA A 838 26.83 -26.01 18.08
C ALA A 838 26.44 -24.54 18.07
N LEU A 839 25.24 -24.26 18.56
CA LEU A 839 24.74 -22.88 18.68
C LEU A 839 25.57 -22.09 19.69
N LEU A 840 25.84 -22.69 20.85
CA LEU A 840 26.63 -22.05 21.91
C LEU A 840 28.13 -21.90 21.57
N ASN A 841 28.66 -22.82 20.75
CA ASN A 841 30.03 -22.70 20.24
C ASN A 841 30.16 -21.63 19.16
N TRP A 842 29.16 -21.53 18.30
CA TRP A 842 29.10 -20.48 17.27
C TRP A 842 29.13 -19.11 17.93
N LEU A 843 28.35 -18.95 18.99
CA LEU A 843 28.39 -17.71 19.78
C LEU A 843 29.76 -17.46 20.41
N LYS A 844 30.39 -18.52 20.93
CA LYS A 844 31.74 -18.44 21.50
C LYS A 844 32.79 -18.07 20.45
N SER A 845 32.67 -18.64 19.25
CA SER A 845 33.59 -18.32 18.15
C SER A 845 33.44 -16.87 17.67
N LYS A 846 32.22 -16.36 17.64
CA LYS A 846 31.92 -14.96 17.25
C LYS A 846 32.08 -13.95 18.40
N ASN A 847 31.97 -14.42 19.64
CA ASN A 847 32.16 -13.59 20.84
C ASN A 847 33.13 -14.27 21.82
N PRO A 848 34.43 -14.31 21.50
CA PRO A 848 35.41 -14.99 22.35
C PRO A 848 35.72 -14.26 23.66
N GLY A 849 35.97 -15.03 24.73
CA GLY A 849 36.41 -14.47 26.02
C GLY A 849 35.35 -13.65 26.73
N GLU A 850 35.67 -12.39 27.02
CA GLU A 850 34.81 -11.52 27.84
C GLU A 850 33.49 -11.13 27.16
N ALA A 851 33.45 -11.16 25.82
CA ALA A 851 32.25 -10.79 25.05
C ALA A 851 31.12 -11.83 25.02
N LEU A 852 31.37 -13.04 25.54
CA LEU A 852 30.39 -14.14 25.49
C LEU A 852 29.16 -13.89 26.37
N ASP A 853 29.39 -13.38 27.58
CA ASP A 853 28.29 -13.05 28.52
C ASP A 853 27.33 -12.03 27.91
N ARG A 854 27.87 -11.00 27.25
CA ARG A 854 27.04 -10.02 26.53
C ARG A 854 26.20 -10.71 25.49
N ALA A 855 26.85 -11.49 24.62
CA ALA A 855 26.18 -12.26 23.57
C ALA A 855 25.05 -13.16 24.06
N ILE A 856 25.29 -13.89 25.14
CA ILE A 856 24.26 -14.74 25.78
C ILE A 856 23.08 -13.91 26.30
N GLU A 857 23.38 -12.77 26.92
CA GLU A 857 22.34 -11.85 27.40
C GLU A 857 21.52 -11.26 26.23
N GLU A 858 22.18 -10.97 25.12
CA GLU A 858 21.51 -10.52 23.88
C GLU A 858 20.56 -11.58 23.32
N PHE A 859 21.02 -12.84 23.33
CA PHE A 859 20.21 -13.99 22.91
C PHE A 859 18.98 -14.14 23.81
N THR A 860 19.20 -14.04 25.13
CA THR A 860 18.15 -14.23 26.15
C THR A 860 17.04 -13.20 26.03
N LEU A 861 17.45 -11.94 25.92
CA LEU A 861 16.52 -10.82 25.75
C LEU A 861 15.71 -10.95 24.46
N SER A 862 16.39 -11.28 23.36
CA SER A 862 15.72 -11.40 22.05
C SER A 862 14.87 -12.67 21.94
N CYS A 863 15.30 -13.75 22.59
CA CYS A 863 14.51 -14.99 22.61
C CYS A 863 13.16 -14.76 23.29
N ALA A 864 13.17 -14.04 24.41
CA ALA A 864 11.94 -13.72 25.14
C ALA A 864 10.99 -12.85 24.31
N GLY A 865 11.53 -11.81 23.68
CA GLY A 865 10.74 -10.89 22.84
C GLY A 865 10.06 -11.61 21.69
N TYR A 866 10.83 -12.42 20.97
CA TYR A 866 10.27 -13.20 19.88
C TYR A 866 9.40 -14.37 20.31
N CYS A 867 9.64 -14.92 21.51
CA CYS A 867 8.74 -15.93 22.05
C CYS A 867 7.36 -15.34 22.33
N VAL A 868 7.35 -14.14 22.94
CA VAL A 868 6.09 -13.49 23.28
C VAL A 868 5.40 -12.96 22.01
N ALA A 869 6.16 -12.27 21.15
CA ALA A 869 5.67 -11.75 19.86
C ALA A 869 4.99 -12.82 19.01
N THR A 870 5.69 -13.94 18.77
CA THR A 870 5.15 -15.02 17.92
C THR A 870 3.91 -15.68 18.53
N TYR A 871 3.89 -15.76 19.86
CA TYR A 871 2.73 -16.30 20.58
C TYR A 871 1.52 -15.38 20.48
N VAL A 872 1.72 -14.10 20.78
CA VAL A 872 0.64 -13.10 20.72
C VAL A 872 0.04 -12.99 19.31
N LEU A 873 0.89 -12.91 18.27
CA LEU A 873 0.43 -12.80 16.88
C LEU A 873 0.03 -14.12 16.24
N GLY A 874 0.30 -15.24 16.91
CA GLY A 874 -0.14 -16.55 16.42
C GLY A 874 0.65 -17.01 15.21
N ILE A 875 1.94 -16.74 15.21
CA ILE A 875 2.83 -17.08 14.10
C ILE A 875 3.39 -18.49 14.33
N GLY A 876 2.83 -19.46 13.62
CA GLY A 876 3.35 -20.83 13.61
C GLY A 876 4.36 -21.06 12.49
N ASP A 877 4.67 -22.33 12.25
CA ASP A 877 5.68 -22.75 11.25
C ASP A 877 7.08 -22.20 11.55
N ARG A 878 7.42 -22.10 12.84
CA ARG A 878 8.71 -21.58 13.28
C ARG A 878 9.70 -22.73 13.41
N HIS A 879 10.74 -22.70 12.58
CA HIS A 879 11.74 -23.76 12.52
C HIS A 879 13.12 -23.24 12.20
N SER A 880 14.11 -24.12 12.26
CA SER A 880 15.53 -23.80 12.05
C SER A 880 15.87 -22.99 10.78
N ASP A 881 15.10 -23.20 9.71
CA ASP A 881 15.27 -22.45 8.44
C ASP A 881 14.82 -20.97 8.48
N ASN A 882 13.83 -20.63 9.32
CA ASN A 882 13.29 -19.26 9.38
C ASN A 882 13.50 -18.50 10.71
N ILE A 883 14.37 -19.04 11.56
CA ILE A 883 14.89 -18.34 12.74
C ILE A 883 16.37 -18.10 12.49
N MET A 884 16.84 -16.89 12.82
CA MET A 884 18.23 -16.48 12.56
C MET A 884 18.88 -15.96 13.83
N ILE A 885 20.21 -15.92 13.83
CA ILE A 885 20.99 -15.35 14.94
C ILE A 885 22.03 -14.39 14.40
N ARG A 886 22.14 -13.23 15.04
CA ARG A 886 23.20 -12.28 14.73
C ARG A 886 24.45 -12.65 15.51
N GLU A 887 25.61 -12.24 15.02
CA GLU A 887 26.89 -12.49 15.70
C GLU A 887 26.98 -11.80 17.05
N SER A 888 26.22 -10.72 17.26
CA SER A 888 26.05 -10.11 18.58
C SER A 888 25.35 -11.04 19.60
N GLY A 889 24.64 -12.07 19.13
CA GLY A 889 23.85 -12.96 19.98
C GLY A 889 22.36 -12.85 19.74
N GLN A 890 21.92 -11.68 19.25
CA GLN A 890 20.50 -11.44 18.97
C GLN A 890 19.86 -12.47 18.04
N LEU A 891 18.74 -13.03 18.49
CA LEU A 891 17.97 -13.99 17.73
C LEU A 891 16.80 -13.24 17.11
N PHE A 892 16.47 -13.57 15.87
CA PHE A 892 15.28 -13.00 15.24
C PHE A 892 14.67 -13.94 14.22
N HIS A 893 13.39 -13.71 13.98
CA HIS A 893 12.58 -14.53 13.10
C HIS A 893 12.44 -13.83 11.78
N ILE A 894 12.35 -14.63 10.72
CA ILE A 894 12.12 -14.17 9.37
C ILE A 894 10.94 -14.90 8.74
N ASP A 895 10.41 -14.31 7.67
CA ASP A 895 9.41 -14.96 6.81
C ASP A 895 8.11 -15.23 7.58
N PHE A 896 7.35 -14.16 7.79
CA PHE A 896 6.09 -14.21 8.52
C PHE A 896 4.90 -14.31 7.54
N GLY A 897 4.89 -15.39 6.76
CA GLY A 897 3.80 -15.63 5.81
C GLY A 897 2.47 -16.08 6.43
N HIS A 898 2.47 -16.41 7.72
CA HIS A 898 1.27 -16.90 8.41
C HIS A 898 1.15 -16.32 9.80
N PHE A 899 -0.06 -15.95 10.19
CA PHE A 899 -0.33 -15.46 11.55
C PHE A 899 -1.77 -15.69 12.01
N LEU A 900 -2.07 -15.30 13.24
CA LEU A 900 -3.37 -15.55 13.88
C LEU A 900 -3.81 -17.02 13.86
N GLY A 901 -2.86 -17.92 14.10
CA GLY A 901 -3.13 -19.37 14.18
C GLY A 901 -3.28 -20.12 12.87
N ASN A 902 -2.93 -19.47 11.75
CA ASN A 902 -3.04 -20.09 10.42
C ASN A 902 -1.75 -20.83 10.03
N PHE A 903 -1.88 -21.83 9.15
CA PHE A 903 -0.73 -22.60 8.66
C PHE A 903 -1.05 -23.37 7.36
N GLU A 912 -6.34 -23.20 14.67
CA GLU A 912 -6.05 -23.56 16.05
C GLU A 912 -5.13 -22.56 16.72
N ARG A 913 -5.18 -22.50 18.05
CA ARG A 913 -4.29 -21.64 18.84
C ARG A 913 -2.86 -22.18 18.76
N VAL A 914 -1.93 -21.29 18.43
CA VAL A 914 -0.51 -21.63 18.45
C VAL A 914 -0.07 -21.50 19.91
N PRO A 915 0.40 -22.61 20.51
CA PRO A 915 0.81 -22.51 21.91
C PRO A 915 2.09 -21.69 22.05
N PHE A 916 2.34 -21.17 23.25
CA PHE A 916 3.65 -20.60 23.59
C PHE A 916 4.69 -21.71 23.46
N ILE A 917 5.83 -21.37 22.84
CA ILE A 917 6.84 -22.37 22.47
C ILE A 917 8.21 -21.97 23.01
N LEU A 918 8.82 -22.91 23.75
CA LEU A 918 10.23 -22.83 24.13
C LEU A 918 10.98 -23.95 23.44
N THR A 919 12.12 -23.61 22.85
CA THR A 919 13.00 -24.59 22.20
C THR A 919 14.09 -24.99 23.19
N TYR A 920 14.35 -26.30 23.28
CA TYR A 920 15.36 -26.85 24.20
C TYR A 920 16.73 -26.26 23.93
N ASP A 921 17.13 -26.24 22.66
CA ASP A 921 18.43 -25.67 22.25
C ASP A 921 18.61 -24.19 22.62
N PHE A 922 17.50 -23.44 22.73
CA PHE A 922 17.56 -22.03 23.17
C PHE A 922 17.60 -21.92 24.69
N VAL A 923 16.86 -22.78 25.39
CA VAL A 923 16.95 -22.86 26.87
C VAL A 923 18.39 -23.12 27.28
N HIS A 924 19.06 -24.00 26.54
CA HIS A 924 20.46 -24.42 26.79
C HIS A 924 21.43 -23.26 26.67
N VAL A 925 21.26 -22.44 25.63
CA VAL A 925 22.05 -21.20 25.47
C VAL A 925 21.76 -20.15 26.56
N ILE A 926 20.49 -20.00 26.91
CA ILE A 926 20.05 -19.15 28.04
C ILE A 926 20.66 -19.64 29.38
N GLN A 927 20.78 -20.95 29.57
CA GLN A 927 21.40 -21.50 30.79
C GLN A 927 22.94 -21.58 30.73
N GLN A 928 23.55 -21.01 29.70
CA GLN A 928 25.02 -20.93 29.52
C GLN A 928 25.67 -22.31 29.35
N GLY A 929 24.95 -23.21 28.68
CA GLY A 929 25.40 -24.59 28.49
C GLY A 929 25.33 -25.48 29.73
N LYS A 930 24.56 -25.08 30.75
CA LYS A 930 24.38 -25.85 31.99
C LYS A 930 22.97 -26.43 32.08
N THR A 931 22.86 -27.58 32.74
CA THR A 931 21.58 -28.31 32.85
C THR A 931 20.51 -27.51 33.59
N ASN A 932 20.92 -26.91 34.71
CA ASN A 932 20.02 -26.26 35.67
C ASN A 932 20.68 -24.99 36.20
N ASN A 933 20.38 -23.88 35.53
CA ASN A 933 20.81 -22.55 35.93
C ASN A 933 19.55 -21.74 36.22
N SER A 934 19.04 -21.88 37.44
CA SER A 934 17.75 -21.29 37.82
C SER A 934 17.78 -19.75 37.85
N GLU A 935 18.93 -19.17 38.23
CA GLU A 935 19.05 -17.71 38.27
C GLU A 935 18.83 -17.09 36.90
N LYS A 936 19.56 -17.60 35.90
CA LYS A 936 19.41 -17.13 34.52
C LYS A 936 18.04 -17.46 33.94
N PHE A 937 17.55 -18.67 34.14
CA PHE A 937 16.26 -19.08 33.60
C PHE A 937 15.10 -18.26 34.16
N GLU A 938 15.11 -17.99 35.46
CA GLU A 938 14.07 -17.15 36.09
C GLU A 938 14.07 -15.71 35.54
N ARG A 939 15.25 -15.18 35.23
CA ARG A 939 15.39 -13.87 34.60
C ARG A 939 14.75 -13.85 33.21
N PHE A 940 15.01 -14.91 32.44
CA PHE A 940 14.38 -15.11 31.12
C PHE A 940 12.87 -15.22 31.22
N ARG A 941 12.38 -15.99 32.20
CA ARG A 941 10.95 -16.09 32.49
C ARG A 941 10.37 -14.72 32.84
N GLY A 942 11.07 -13.97 33.68
CA GLY A 942 10.67 -12.61 34.05
C GLY A 942 10.52 -11.70 32.83
N TYR A 943 11.47 -11.78 31.89
CA TYR A 943 11.43 -10.95 30.67
C TYR A 943 10.21 -11.29 29.80
N CYS A 944 9.97 -12.58 29.59
CA CYS A 944 8.76 -13.06 28.91
C CYS A 944 7.50 -12.51 29.58
N GLU A 945 7.43 -12.64 30.90
CA GLU A 945 6.24 -12.20 31.65
C GLU A 945 6.01 -10.70 31.63
N ARG A 946 7.08 -9.93 31.79
CA ARG A 946 7.01 -8.46 31.69
C ARG A 946 6.64 -8.02 30.26
N ALA A 947 7.26 -8.64 29.26
CA ALA A 947 6.92 -8.40 27.84
C ALA A 947 5.42 -8.60 27.59
N TYR A 948 4.89 -9.74 28.03
CA TYR A 948 3.47 -10.07 27.89
C TYR A 948 2.56 -9.07 28.62
N THR A 949 2.92 -8.73 29.85
CA THR A 949 2.16 -7.77 30.66
C THR A 949 2.04 -6.39 30.02
N ILE A 950 3.14 -5.92 29.41
CA ILE A 950 3.16 -4.60 28.73
C ILE A 950 2.26 -4.56 27.48
N LEU A 951 2.29 -5.63 26.68
CA LEU A 951 1.42 -5.76 25.53
C LEU A 951 -0.07 -5.77 25.90
N ARG A 952 -0.41 -6.48 26.99
CA ARG A 952 -1.78 -6.50 27.53
C ARG A 952 -2.31 -5.12 27.88
N ARG A 953 -1.46 -4.29 28.51
CA ARG A 953 -1.80 -2.90 28.81
C ARG A 953 -2.14 -2.05 27.58
N HIS A 954 -1.58 -2.40 26.42
CA HIS A 954 -1.88 -1.74 25.14
C HIS A 954 -2.65 -2.65 24.20
N GLY A 955 -3.46 -3.54 24.78
CA GLY A 955 -4.21 -4.51 24.00
C GLY A 955 -5.23 -3.90 23.06
N LEU A 956 -5.93 -2.87 23.52
CA LEU A 956 -6.92 -2.18 22.70
C LEU A 956 -6.31 -1.49 21.45
N LEU A 957 -5.06 -1.03 21.57
CA LEU A 957 -4.31 -0.49 20.44
C LEU A 957 -4.10 -1.51 19.34
N PHE A 958 -3.67 -2.71 19.71
CA PHE A 958 -3.51 -3.80 18.75
C PHE A 958 -4.84 -4.21 18.12
N LEU A 959 -5.89 -4.33 18.93
CA LEU A 959 -7.21 -4.69 18.41
C LEU A 959 -7.75 -3.64 17.41
N HIS A 960 -7.65 -2.37 17.78
CA HIS A 960 -8.09 -1.28 16.88
C HIS A 960 -7.29 -1.24 15.61
N LEU A 961 -5.97 -1.41 15.71
CA LEU A 961 -5.11 -1.40 14.53
C LEU A 961 -5.41 -2.56 13.61
N PHE A 962 -5.54 -3.76 14.16
CA PHE A 962 -5.94 -4.95 13.38
C PHE A 962 -7.33 -4.82 12.78
N ALA A 963 -8.27 -4.23 13.53
CA ALA A 963 -9.63 -3.99 13.02
C ALA A 963 -9.59 -3.14 11.75
N LEU A 964 -8.80 -2.08 11.76
CA LEU A 964 -8.63 -1.21 10.59
C LEU A 964 -7.95 -1.94 9.42
N MET A 965 -7.04 -2.88 9.73
CA MET A 965 -6.35 -3.67 8.71
C MET A 965 -7.23 -4.67 7.99
N ARG A 966 -8.45 -4.91 8.47
CA ARG A 966 -9.40 -5.73 7.73
C ARG A 966 -9.74 -5.13 6.35
N ALA A 967 -9.54 -3.81 6.19
CA ALA A 967 -9.67 -3.12 4.89
C ALA A 967 -8.67 -3.61 3.83
N ALA A 968 -7.46 -3.98 4.26
CA ALA A 968 -6.43 -4.56 3.39
C ALA A 968 -6.82 -5.79 2.58
N GLY A 969 -7.80 -6.56 3.04
CA GLY A 969 -8.23 -7.77 2.35
C GLY A 969 -7.22 -8.91 2.39
N LEU A 970 -6.42 -8.97 3.45
CA LEU A 970 -5.49 -10.09 3.65
C LEU A 970 -6.29 -11.33 4.00
N PRO A 971 -6.03 -12.48 3.33
CA PRO A 971 -6.82 -13.71 3.60
C PRO A 971 -6.89 -14.10 5.09
N GLU A 972 -5.80 -13.88 5.82
CA GLU A 972 -5.68 -14.25 7.24
C GLU A 972 -6.11 -13.16 8.24
N LEU A 973 -6.63 -12.05 7.72
CA LEU A 973 -7.20 -10.97 8.53
C LEU A 973 -8.43 -10.42 7.78
N SER A 974 -9.52 -11.18 7.88
CA SER A 974 -10.78 -10.88 7.15
C SER A 974 -12.02 -10.67 8.03
N CYS A 975 -12.05 -11.28 9.22
CA CYS A 975 -13.27 -11.35 10.03
C CYS A 975 -13.00 -11.09 11.52
N SER A 976 -14.08 -11.03 12.30
CA SER A 976 -14.03 -10.83 13.76
C SER A 976 -13.35 -11.98 14.53
N LYS A 977 -13.39 -13.19 13.96
CA LYS A 977 -12.65 -14.35 14.50
C LYS A 977 -11.14 -14.08 14.52
N ASP A 978 -10.62 -13.51 13.44
CA ASP A 978 -9.20 -13.17 13.35
C ASP A 978 -8.79 -12.17 14.42
N ILE A 979 -9.65 -11.18 14.65
CA ILE A 979 -9.45 -10.20 15.74
C ILE A 979 -9.58 -10.91 17.09
N GLN A 980 -10.58 -11.79 17.20
CA GLN A 980 -10.81 -12.56 18.43
C GLN A 980 -9.57 -13.36 18.84
N TYR A 981 -8.79 -13.85 17.87
CA TYR A 981 -7.52 -14.51 18.16
C TYR A 981 -6.61 -13.67 19.05
N LEU A 982 -6.48 -12.38 18.72
CA LEU A 982 -5.64 -11.44 19.48
C LEU A 982 -6.18 -11.17 20.88
N LYS A 983 -7.50 -11.03 21.00
CA LYS A 983 -8.14 -10.86 22.32
C LYS A 983 -7.82 -12.01 23.28
N ASP A 984 -7.85 -13.23 22.75
CA ASP A 984 -7.64 -14.45 23.55
C ASP A 984 -6.18 -14.60 23.94
N SER A 985 -5.27 -14.38 22.99
CA SER A 985 -3.84 -14.49 23.21
C SER A 985 -3.31 -13.46 24.21
N LEU A 986 -3.89 -12.26 24.18
CA LEU A 986 -3.60 -11.21 25.18
C LEU A 986 -4.48 -11.33 26.42
N ALA A 987 -5.46 -12.22 26.39
CA ALA A 987 -6.31 -12.50 27.56
C ALA A 987 -6.97 -11.24 28.09
N LEU A 988 -7.54 -10.46 27.18
CA LEU A 988 -8.13 -9.15 27.52
C LEU A 988 -9.44 -9.25 28.31
N GLY A 989 -10.16 -10.36 28.16
CA GLY A 989 -11.35 -10.63 28.99
C GLY A 989 -11.07 -10.98 30.46
N LYS A 990 -9.80 -11.20 30.79
CA LYS A 990 -9.37 -11.54 32.14
C LYS A 990 -8.76 -10.32 32.83
N THR A 991 -8.70 -10.36 34.16
CA THR A 991 -7.91 -9.40 34.95
C THR A 991 -6.42 -9.63 34.69
N GLU A 992 -5.58 -8.68 35.10
CA GLU A 992 -4.13 -8.79 34.88
C GLU A 992 -3.53 -9.96 35.64
N GLU A 993 -3.92 -10.11 36.92
CA GLU A 993 -3.54 -11.25 37.74
C GLU A 993 -3.93 -12.59 37.08
N GLU A 994 -5.21 -12.70 36.72
CA GLU A 994 -5.72 -13.88 35.99
C GLU A 994 -4.95 -14.17 34.70
N ALA A 995 -4.70 -13.12 33.91
CA ALA A 995 -3.92 -13.25 32.68
C ALA A 995 -2.52 -13.80 32.95
N LEU A 996 -1.87 -13.26 33.97
CA LEU A 996 -0.47 -13.60 34.26
C LEU A 996 -0.33 -15.03 34.80
N LYS A 997 -1.31 -15.47 35.58
CA LYS A 997 -1.36 -16.85 36.08
C LYS A 997 -1.56 -17.88 34.97
N HIS A 998 -2.38 -17.54 33.97
CA HIS A 998 -2.59 -18.41 32.81
C HIS A 998 -1.36 -18.47 31.95
N PHE A 999 -0.78 -17.30 31.67
CA PHE A 999 0.50 -17.22 30.95
C PHE A 999 1.61 -18.06 31.60
N ARG A 1000 1.68 -18.03 32.93
CA ARG A 1000 2.62 -18.84 33.72
C ARG A 1000 2.43 -20.33 33.51
N VAL A 1001 1.18 -20.78 33.55
CA VAL A 1001 0.85 -22.18 33.26
C VAL A 1001 1.25 -22.56 31.82
N LYS A 1002 0.92 -21.69 30.87
CA LYS A 1002 1.34 -21.87 29.46
C LYS A 1002 2.86 -21.91 29.29
N PHE A 1003 3.56 -21.02 29.99
CA PHE A 1003 5.03 -21.02 30.04
C PHE A 1003 5.56 -22.35 30.53
N ASN A 1004 5.15 -22.74 31.74
CA ASN A 1004 5.63 -23.98 32.37
C ASN A 1004 5.35 -25.18 31.48
N GLU A 1005 4.12 -25.27 30.97
CA GLU A 1005 3.74 -26.33 30.04
C GLU A 1005 4.61 -26.35 28.76
N ALA A 1006 5.01 -25.18 28.27
CA ALA A 1006 5.96 -25.07 27.15
C ALA A 1006 7.37 -25.60 27.50
N LEU A 1007 7.79 -25.40 28.75
CA LEU A 1007 9.07 -25.95 29.24
C LEU A 1007 9.03 -27.49 29.29
N ARG A 1008 7.95 -28.04 29.83
CA ARG A 1008 7.70 -29.49 29.81
C ARG A 1008 7.72 -30.03 28.38
N GLU A 1009 7.01 -29.35 27.47
CA GLU A 1009 6.95 -29.74 26.06
C GLU A 1009 8.33 -29.65 25.38
N SER A 1010 9.10 -28.60 25.70
CA SER A 1010 10.46 -28.41 25.20
C SER A 1010 11.35 -29.66 25.33
N TRP A 1011 11.28 -30.30 26.49
CA TRP A 1011 11.98 -31.56 26.75
C TRP A 1011 11.52 -32.68 25.85
N LYS A 1012 10.20 -32.87 25.77
CA LYS A 1012 9.61 -33.98 25.00
C LYS A 1012 9.84 -33.90 23.47
N THR A 1013 9.86 -32.68 22.91
CA THR A 1013 10.04 -32.50 21.46
C THR A 1013 11.41 -32.96 20.94
N LYS A 1014 12.47 -32.59 21.65
CA LYS A 1014 13.84 -32.93 21.23
C LYS A 1014 14.21 -34.41 21.44
N VAL A 1015 13.56 -35.08 22.39
CA VAL A 1015 13.77 -36.53 22.62
C VAL A 1015 13.30 -37.37 21.43
N ASN A 1016 12.22 -36.93 20.77
CA ASN A 1016 11.75 -37.55 19.52
C ASN A 1016 12.71 -37.31 18.38
N TYR B 1 -42.52 -31.56 15.17
CA TYR B 1 -42.81 -30.55 16.21
C TYR B 1 -41.67 -29.53 16.27
N GLN B 2 -40.46 -30.02 16.49
CA GLN B 2 -39.24 -29.20 16.52
C GLN B 2 -38.05 -29.96 15.94
N GLU B 9 -29.49 -39.48 11.86
CA GLU B 9 -29.83 -40.20 10.63
C GLU B 9 -28.72 -41.11 10.06
N ASP B 10 -27.74 -41.47 10.89
CA ASP B 10 -26.58 -42.28 10.45
C ASP B 10 -25.68 -42.60 11.65
N ASN B 11 -24.74 -43.53 11.47
CA ASN B 11 -23.68 -43.79 12.45
C ASN B 11 -22.54 -42.77 12.33
N ILE B 12 -21.78 -42.59 13.42
CA ILE B 12 -20.74 -41.55 13.53
C ILE B 12 -19.61 -41.75 12.51
N GLU B 13 -19.13 -42.98 12.37
CA GLU B 13 -18.05 -43.31 11.42
C GLU B 13 -18.47 -43.07 9.97
N ALA B 14 -19.74 -43.35 9.66
CA ALA B 14 -20.29 -43.10 8.31
C ALA B 14 -20.39 -41.60 7.99
N VAL B 15 -20.85 -40.82 8.96
CA VAL B 15 -20.96 -39.35 8.79
C VAL B 15 -19.57 -38.70 8.67
N GLY B 16 -18.60 -39.22 9.43
CA GLY B 16 -17.22 -38.74 9.38
C GLY B 16 -16.51 -39.02 8.07
N LYS B 17 -16.78 -40.19 7.49
CA LYS B 17 -16.28 -40.53 6.15
C LYS B 17 -16.82 -39.58 5.09
N LYS B 18 -18.10 -39.22 5.20
CA LYS B 18 -18.73 -38.27 4.30
C LYS B 18 -18.25 -36.84 4.54
N LEU B 19 -17.97 -36.49 5.81
CA LEU B 19 -17.33 -35.21 6.13
C LEU B 19 -15.96 -35.13 5.45
N HIS B 20 -15.20 -36.22 5.46
CA HIS B 20 -13.88 -36.26 4.82
C HIS B 20 -13.97 -36.12 3.33
N GLU B 21 -14.95 -36.80 2.72
CA GLU B 21 -15.19 -36.71 1.28
C GLU B 21 -15.61 -35.30 0.85
N TYR B 22 -16.58 -34.71 1.56
CA TYR B 22 -17.07 -33.37 1.23
C TYR B 22 -16.03 -32.27 1.48
N ASN B 23 -15.19 -32.43 2.50
CA ASN B 23 -14.07 -31.51 2.73
C ASN B 23 -13.05 -31.60 1.61
N THR B 24 -12.74 -32.83 1.19
CA THR B 24 -11.83 -33.06 0.06
C THR B 24 -12.38 -32.49 -1.25
N GLN B 25 -13.69 -32.66 -1.48
CA GLN B 25 -14.35 -32.06 -2.66
C GLN B 25 -14.40 -30.53 -2.58
N PHE B 26 -14.58 -29.98 -1.38
CA PHE B 26 -14.59 -28.52 -1.19
C PHE B 26 -13.22 -27.88 -1.43
N GLN B 27 -12.16 -28.51 -0.93
CA GLN B 27 -10.79 -28.02 -1.13
C GLN B 27 -10.39 -28.02 -2.61
N GLU B 28 -10.74 -29.10 -3.32
CA GLU B 28 -10.51 -29.18 -4.78
C GLU B 28 -11.28 -28.09 -5.54
N LYS B 29 -12.57 -27.93 -5.24
CA LYS B 29 -13.39 -26.90 -5.89
C LYS B 29 -12.92 -25.47 -5.59
N SER B 30 -12.40 -25.26 -4.38
CA SER B 30 -11.79 -23.99 -3.99
C SER B 30 -10.52 -23.71 -4.79
N ARG B 31 -9.66 -24.72 -4.93
CA ARG B 31 -8.43 -24.59 -5.72
C ARG B 31 -8.72 -24.34 -7.21
N GLU B 32 -9.81 -24.93 -7.71
CA GLU B 32 -10.29 -24.68 -9.07
C GLU B 32 -10.74 -23.21 -9.21
N TYR B 33 -11.54 -22.74 -8.26
CA TYR B 33 -11.99 -21.35 -8.24
C TYR B 33 -10.82 -20.36 -8.12
N ASP B 34 -9.90 -20.65 -7.20
CA ASP B 34 -8.72 -19.78 -7.00
C ASP B 34 -7.85 -19.66 -8.25
N ARG B 35 -7.76 -20.76 -9.02
CA ARG B 35 -7.04 -20.79 -10.29
C ARG B 35 -7.75 -19.89 -11.32
N LEU B 36 -9.07 -20.04 -11.44
CA LEU B 36 -9.88 -19.19 -12.32
C LEU B 36 -9.82 -17.71 -11.91
N TYR B 37 -9.91 -17.43 -10.61
CA TYR B 37 -9.80 -16.04 -10.14
C TYR B 37 -8.45 -15.40 -10.47
N GLU B 38 -7.40 -16.22 -10.50
CA GLU B 38 -6.05 -15.77 -10.88
C GLU B 38 -6.00 -15.40 -12.38
N ASP B 39 -6.61 -16.23 -13.22
CA ASP B 39 -6.76 -15.94 -14.65
C ASP B 39 -7.61 -14.69 -14.87
N TYR B 40 -8.75 -14.62 -14.19
CA TYR B 40 -9.59 -13.42 -14.15
C TYR B 40 -8.79 -12.16 -13.82
N THR B 41 -7.96 -12.23 -12.78
CA THR B 41 -7.13 -11.10 -12.33
C THR B 41 -6.07 -10.75 -13.38
N ARG B 42 -5.38 -11.77 -13.88
CA ARG B 42 -4.32 -11.61 -14.88
C ARG B 42 -4.87 -11.03 -16.20
N THR B 43 -6.04 -11.52 -16.62
CA THR B 43 -6.66 -11.10 -17.88
C THR B 43 -7.18 -9.65 -17.80
N SER B 44 -7.80 -9.30 -16.67
CA SER B 44 -8.23 -7.93 -16.41
C SER B 44 -7.07 -6.93 -16.50
N GLN B 45 -5.91 -7.29 -15.93
CA GLN B 45 -4.69 -6.49 -16.04
C GLN B 45 -4.20 -6.38 -17.49
N GLU B 46 -4.25 -7.50 -18.22
CA GLU B 46 -3.75 -7.55 -19.60
C GLU B 46 -4.64 -6.76 -20.57
N ILE B 47 -5.95 -6.90 -20.43
CA ILE B 47 -6.95 -6.08 -21.17
C ILE B 47 -6.76 -4.57 -20.93
N GLN B 48 -6.48 -4.19 -19.68
CA GLN B 48 -6.19 -2.79 -19.34
C GLN B 48 -4.94 -2.28 -20.05
N MET B 49 -3.88 -3.10 -20.05
CA MET B 49 -2.62 -2.77 -20.72
C MET B 49 -2.79 -2.60 -22.23
N LYS B 50 -3.55 -3.51 -22.85
CA LYS B 50 -3.88 -3.41 -24.27
C LYS B 50 -4.69 -2.16 -24.59
N ARG B 51 -5.62 -1.81 -23.70
CA ARG B 51 -6.46 -0.62 -23.90
C ARG B 51 -5.63 0.67 -23.84
N THR B 52 -4.67 0.77 -22.91
CA THR B 52 -3.74 1.90 -22.90
C THR B 52 -2.77 1.89 -24.10
N ALA B 53 -2.41 0.68 -24.58
CA ALA B 53 -1.61 0.51 -25.79
C ALA B 53 -2.30 1.05 -27.05
N ILE B 54 -3.61 0.80 -27.14
CA ILE B 54 -4.46 1.34 -28.21
C ILE B 54 -4.52 2.86 -28.17
N GLU B 55 -4.73 3.41 -26.97
CA GLU B 55 -4.62 4.86 -26.75
C GLU B 55 -3.25 5.39 -27.21
N ALA B 56 -2.17 4.66 -26.91
CA ALA B 56 -0.82 5.05 -27.32
C ALA B 56 -0.63 5.04 -28.83
N PHE B 57 -1.18 4.02 -29.50
CA PHE B 57 -1.25 3.97 -30.96
C PHE B 57 -2.02 5.16 -31.51
N ASN B 58 -3.20 5.43 -30.95
CA ASN B 58 -4.04 6.58 -31.31
C ASN B 58 -3.27 7.90 -31.26
N GLU B 59 -2.56 8.09 -30.16
CA GLU B 59 -1.76 9.31 -29.95
C GLU B 59 -0.57 9.37 -30.92
N THR B 60 -0.02 8.20 -31.28
CA THR B 60 1.09 8.13 -32.24
C THR B 60 0.60 8.47 -33.64
N ILE B 61 -0.52 7.87 -34.05
CA ILE B 61 -1.18 8.16 -35.31
C ILE B 61 -1.55 9.65 -35.42
N LYS B 62 -2.04 10.23 -34.32
CA LYS B 62 -2.39 11.65 -34.24
C LYS B 62 -1.20 12.57 -34.53
N ILE B 63 -0.04 12.27 -33.92
CA ILE B 63 1.20 13.02 -34.17
C ILE B 63 1.61 12.99 -35.64
N PHE B 64 1.51 11.82 -36.25
CA PHE B 64 1.80 11.62 -37.65
C PHE B 64 0.84 12.39 -38.58
N GLU B 65 -0.43 12.50 -38.19
CA GLU B 65 -1.40 13.28 -38.96
C GLU B 65 -1.18 14.78 -38.83
N GLU B 66 -0.74 15.25 -37.66
CA GLU B 66 -0.25 16.64 -37.52
C GLU B 66 0.94 16.89 -38.43
N GLN B 67 1.85 15.92 -38.53
CA GLN B 67 3.01 16.04 -39.43
C GLN B 67 2.58 16.17 -40.89
N CYS B 68 1.54 15.43 -41.28
CA CYS B 68 0.98 15.53 -42.63
C CYS B 68 0.36 16.90 -42.88
N GLN B 69 -0.44 17.36 -41.94
CA GLN B 69 -1.00 18.72 -41.95
C GLN B 69 0.12 19.76 -42.10
N THR B 70 1.15 19.64 -41.26
CA THR B 70 2.31 20.53 -41.29
C THR B 70 3.02 20.49 -42.64
N GLN B 71 3.31 19.28 -43.13
CA GLN B 71 3.96 19.09 -44.43
C GLN B 71 3.19 19.81 -45.54
N GLU B 72 1.87 19.70 -45.53
CA GLU B 72 1.05 20.27 -46.60
C GLU B 72 0.97 21.81 -46.57
N ARG B 73 0.77 22.40 -45.38
CA ARG B 73 0.79 23.86 -45.24
C ARG B 73 2.18 24.43 -45.49
N TYR B 74 3.20 23.82 -44.90
CA TYR B 74 4.54 24.39 -44.90
C TYR B 74 5.24 24.31 -46.25
N SER B 75 5.07 23.18 -46.94
CA SER B 75 5.78 22.93 -48.20
C SER B 75 5.34 23.81 -49.37
N LYS B 76 4.05 24.19 -49.39
CA LYS B 76 3.44 24.94 -50.51
C LYS B 76 4.31 26.07 -51.08
N GLU B 77 4.72 26.99 -50.22
CA GLU B 77 5.56 28.12 -50.61
C GLU B 77 6.86 27.67 -51.29
N TYR B 78 7.52 26.67 -50.70
CA TYR B 78 8.78 26.13 -51.25
C TYR B 78 8.58 25.27 -52.52
N ILE B 79 7.42 24.66 -52.70
CA ILE B 79 7.10 23.97 -53.95
C ILE B 79 6.91 25.00 -55.07
N GLU B 80 6.18 26.07 -54.77
CA GLU B 80 5.97 27.18 -55.71
C GLU B 80 7.25 27.97 -56.03
N LYS B 81 8.09 28.19 -55.02
CA LYS B 81 9.36 28.90 -55.19
C LYS B 81 10.36 28.12 -56.06
N PHE B 82 10.48 26.82 -55.79
CA PHE B 82 11.34 25.94 -56.59
C PHE B 82 10.80 25.67 -58.01
N LYS B 83 9.50 25.88 -58.23
CA LYS B 83 8.91 25.75 -59.57
C LYS B 83 9.28 26.94 -60.47
N ARG B 84 9.32 28.14 -59.90
CA ARG B 84 9.76 29.36 -60.61
C ARG B 84 11.24 29.28 -60.98
N GLU B 85 12.05 28.84 -60.02
CA GLU B 85 13.51 28.64 -60.21
C GLU B 85 13.88 27.35 -60.98
N GLY B 86 12.88 26.56 -61.41
CA GLY B 86 13.12 25.38 -62.22
C GLY B 86 13.72 24.18 -61.48
N ASN B 87 13.66 24.21 -60.15
CA ASN B 87 14.22 23.18 -59.29
C ASN B 87 13.15 22.13 -58.97
N GLU B 88 12.67 21.47 -60.02
CA GLU B 88 11.62 20.46 -59.91
C GLU B 88 12.10 19.15 -59.27
N THR B 89 13.42 18.95 -59.22
CA THR B 89 14.02 17.82 -58.52
C THR B 89 13.89 17.98 -57.00
N GLU B 90 14.09 19.21 -56.51
CA GLU B 90 13.86 19.55 -55.10
C GLU B 90 12.38 19.45 -54.71
N ILE B 91 11.48 19.76 -55.64
CA ILE B 91 10.05 19.51 -55.43
C ILE B 91 9.83 18.00 -55.30
N GLN B 92 10.42 17.23 -56.22
CA GLN B 92 10.33 15.76 -56.20
C GLN B 92 10.89 15.11 -54.92
N ARG B 93 11.94 15.70 -54.35
CA ARG B 93 12.49 15.21 -53.05
C ARG B 93 11.51 15.42 -51.90
N ILE B 94 10.94 16.62 -51.83
CA ILE B 94 9.95 16.98 -50.81
C ILE B 94 8.75 16.05 -50.88
N MET B 95 8.25 15.80 -52.08
CA MET B 95 7.04 15.00 -52.25
C MET B 95 7.28 13.51 -52.03
N HIS B 96 8.43 13.00 -52.47
CA HIS B 96 8.82 11.61 -52.18
C HIS B 96 9.03 11.36 -50.70
N ASN B 97 9.63 12.33 -50.02
CA ASN B 97 9.77 12.28 -48.55
C ASN B 97 8.43 12.21 -47.85
N TYR B 98 7.47 13.01 -48.32
CA TYR B 98 6.10 12.98 -47.81
C TYR B 98 5.40 11.65 -48.08
N GLU B 99 5.64 11.04 -49.24
CA GLU B 99 5.12 9.70 -49.53
C GLU B 99 5.64 8.63 -48.56
N LYS B 100 6.91 8.75 -48.16
CA LYS B 100 7.49 7.83 -47.18
C LYS B 100 6.81 7.97 -45.81
N LEU B 101 6.54 9.20 -45.39
CA LEU B 101 5.74 9.49 -44.20
C LEU B 101 4.39 8.79 -44.22
N LYS B 102 3.67 8.94 -45.33
CA LYS B 102 2.32 8.35 -45.48
C LYS B 102 2.28 6.83 -45.33
N SER B 103 3.23 6.14 -45.96
CA SER B 103 3.29 4.67 -45.88
C SER B 103 3.72 4.17 -44.49
N ARG B 104 4.52 4.97 -43.78
CA ARG B 104 4.83 4.67 -42.38
C ARG B 104 3.56 4.74 -41.50
N ILE B 105 2.65 5.68 -41.79
CA ILE B 105 1.35 5.77 -41.11
C ILE B 105 0.50 4.50 -41.32
N SER B 106 0.53 3.95 -42.53
CA SER B 106 -0.18 2.69 -42.83
C SER B 106 0.34 1.47 -42.03
N GLU B 107 1.65 1.41 -41.81
CA GLU B 107 2.25 0.36 -40.97
C GLU B 107 1.73 0.43 -39.52
N ILE B 108 1.72 1.64 -38.97
CA ILE B 108 1.27 1.91 -37.60
C ILE B 108 -0.22 1.63 -37.42
N VAL B 109 -1.04 2.05 -38.38
CA VAL B 109 -2.48 1.72 -38.40
C VAL B 109 -2.71 0.20 -38.43
N ASP B 110 -1.93 -0.50 -39.26
CA ASP B 110 -2.01 -1.96 -39.31
C ASP B 110 -1.62 -2.62 -37.96
N SER B 111 -0.60 -2.06 -37.29
CA SER B 111 -0.23 -2.52 -35.95
C SER B 111 -1.32 -2.26 -34.91
N ARG B 112 -1.96 -1.08 -34.99
CA ARG B 112 -3.11 -0.78 -34.11
C ARG B 112 -4.25 -1.77 -34.32
N ARG B 113 -4.50 -2.14 -35.57
CA ARG B 113 -5.57 -3.08 -35.92
C ARG B 113 -5.32 -4.47 -35.33
N ARG B 114 -4.10 -4.99 -35.50
CA ARG B 114 -3.71 -6.28 -34.92
C ARG B 114 -4.01 -6.32 -33.42
N LEU B 115 -3.64 -5.24 -32.73
CA LEU B 115 -3.89 -5.12 -31.29
C LEU B 115 -5.37 -5.02 -30.92
N GLU B 116 -6.17 -4.36 -31.74
CA GLU B 116 -7.63 -4.26 -31.50
C GLU B 116 -8.31 -5.62 -31.62
N GLU B 117 -7.83 -6.44 -32.56
CA GLU B 117 -8.31 -7.81 -32.74
C GLU B 117 -7.86 -8.73 -31.59
N ASP B 118 -6.65 -8.52 -31.08
CA ASP B 118 -6.16 -9.25 -29.90
C ASP B 118 -6.97 -8.90 -28.65
N LEU B 119 -7.24 -7.61 -28.47
CA LEU B 119 -8.12 -7.15 -27.38
C LEU B 119 -9.52 -7.74 -27.51
N LYS B 120 -10.00 -7.88 -28.74
CA LYS B 120 -11.31 -8.51 -28.99
C LYS B 120 -11.33 -9.96 -28.54
N LYS B 121 -10.30 -10.73 -28.91
CA LYS B 121 -10.20 -12.13 -28.49
C LYS B 121 -10.10 -12.26 -26.97
N GLN B 122 -9.21 -11.47 -26.37
CA GLN B 122 -9.02 -11.50 -24.91
C GLN B 122 -10.22 -10.96 -24.11
N ALA B 123 -11.01 -10.09 -24.71
CA ALA B 123 -12.29 -9.64 -24.12
C ALA B 123 -13.27 -10.81 -23.99
N ALA B 124 -13.32 -11.65 -25.01
CA ALA B 124 -14.15 -12.86 -25.02
C ALA B 124 -13.63 -13.92 -24.03
N GLU B 125 -12.31 -14.04 -23.90
CA GLU B 125 -11.70 -14.89 -22.87
C GLU B 125 -12.07 -14.43 -21.47
N TYR B 126 -12.01 -13.12 -21.22
CA TYR B 126 -12.45 -12.56 -19.94
C TYR B 126 -13.88 -12.99 -19.61
N ARG B 127 -14.77 -12.86 -20.60
CA ARG B 127 -16.18 -13.22 -20.40
C ARG B 127 -16.40 -14.73 -20.19
N GLU B 128 -15.57 -15.57 -20.81
CA GLU B 128 -15.66 -17.02 -20.65
C GLU B 128 -15.12 -17.46 -19.27
N ILE B 129 -14.06 -16.80 -18.82
CA ILE B 129 -13.51 -17.02 -17.48
C ILE B 129 -14.54 -16.67 -16.41
N ASP B 130 -15.17 -15.50 -16.54
CA ASP B 130 -16.26 -15.08 -15.64
C ASP B 130 -17.45 -16.05 -15.66
N LYS B 131 -17.78 -16.56 -16.85
CA LYS B 131 -18.85 -17.56 -16.99
C LYS B 131 -18.54 -18.85 -16.23
N ARG B 132 -17.30 -19.35 -16.37
CA ARG B 132 -16.84 -20.56 -15.65
C ARG B 132 -16.85 -20.36 -14.14
N MET B 133 -16.38 -19.20 -13.69
CA MET B 133 -16.42 -18.83 -12.28
C MET B 133 -17.85 -18.87 -11.75
N ASN B 134 -18.78 -18.25 -12.48
CA ASN B 134 -20.19 -18.23 -12.10
C ASN B 134 -20.89 -19.59 -12.13
N SER B 135 -20.41 -20.53 -12.95
CA SER B 135 -20.93 -21.91 -12.93
C SER B 135 -20.34 -22.76 -11.77
N ILE B 136 -19.12 -22.42 -11.32
CA ILE B 136 -18.44 -23.10 -10.20
C ILE B 136 -19.01 -22.69 -8.83
N LYS B 137 -19.43 -21.43 -8.71
CA LYS B 137 -19.88 -20.86 -7.43
C LYS B 137 -20.97 -21.64 -6.68
N PRO B 138 -22.05 -22.09 -7.37
CA PRO B 138 -23.07 -22.92 -6.72
C PRO B 138 -22.53 -24.19 -6.07
N ASP B 139 -21.67 -24.93 -6.78
CA ASP B 139 -21.05 -26.14 -6.25
C ASP B 139 -20.13 -25.83 -5.07
N LEU B 140 -19.30 -24.80 -5.24
CA LEU B 140 -18.40 -24.33 -4.19
C LEU B 140 -19.15 -23.93 -2.91
N ILE B 141 -20.21 -23.13 -3.05
CA ILE B 141 -21.01 -22.68 -1.91
C ILE B 141 -21.77 -23.86 -1.27
N GLN B 142 -22.40 -24.68 -2.11
CA GLN B 142 -23.13 -25.87 -1.64
C GLN B 142 -22.22 -26.86 -0.88
N LEU B 143 -21.01 -27.07 -1.39
CA LEU B 143 -20.03 -27.93 -0.74
C LEU B 143 -19.53 -27.38 0.60
N ARG B 144 -19.43 -26.05 0.71
CA ARG B 144 -19.06 -25.41 1.99
C ARG B 144 -20.17 -25.60 3.04
N LYS B 145 -21.42 -25.38 2.63
CA LYS B 145 -22.56 -25.50 3.53
C LYS B 145 -22.78 -26.94 4.01
N THR B 146 -22.62 -27.89 3.09
CA THR B 146 -22.73 -29.32 3.39
C THR B 146 -21.64 -29.76 4.36
N ARG B 147 -20.40 -29.34 4.10
CA ARG B 147 -19.27 -29.63 4.98
C ARG B 147 -19.54 -29.11 6.38
N ASP B 148 -20.00 -27.87 6.49
CA ASP B 148 -20.32 -27.27 7.80
C ASP B 148 -21.48 -27.97 8.54
N GLN B 149 -22.45 -28.49 7.80
CA GLN B 149 -23.59 -29.21 8.40
C GLN B 149 -23.17 -30.56 9.01
N TYR B 150 -22.30 -31.27 8.31
CA TYR B 150 -21.76 -32.53 8.78
C TYR B 150 -20.91 -32.31 10.04
N LEU B 151 -20.10 -31.25 10.02
CA LEU B 151 -19.27 -30.86 11.16
C LEU B 151 -20.11 -30.52 12.41
N MET B 152 -21.21 -29.80 12.23
CA MET B 152 -22.14 -29.46 13.32
C MET B 152 -22.89 -30.67 13.87
N TRP B 153 -23.31 -31.57 12.98
CA TRP B 153 -23.95 -32.82 13.38
C TRP B 153 -23.03 -33.66 14.25
N LEU B 154 -21.75 -33.76 13.86
CA LEU B 154 -20.76 -34.49 14.65
C LEU B 154 -20.44 -33.81 15.98
N THR B 155 -20.31 -32.48 15.98
CA THR B 155 -20.10 -31.71 17.21
C THR B 155 -21.24 -31.91 18.22
N GLN B 156 -22.48 -31.86 17.72
CA GLN B 156 -23.68 -32.16 18.50
C GLN B 156 -23.67 -33.53 19.13
N LYS B 157 -23.24 -34.52 18.35
CA LYS B 157 -23.10 -35.91 18.80
C LYS B 157 -21.97 -36.12 19.81
N GLY B 158 -21.13 -35.12 20.03
CA GLY B 158 -20.08 -35.14 21.05
C GLY B 158 -18.79 -35.76 20.56
N VAL B 159 -18.55 -35.68 19.25
CA VAL B 159 -17.33 -36.25 18.67
C VAL B 159 -16.18 -35.30 18.99
N ARG B 160 -15.09 -35.86 19.49
CA ARG B 160 -13.95 -35.08 19.98
C ARG B 160 -13.24 -34.36 18.84
N GLN B 161 -12.58 -33.27 19.18
CA GLN B 161 -11.93 -32.41 18.19
C GLN B 161 -10.83 -33.12 17.39
N LYS B 162 -10.10 -34.02 18.04
CA LYS B 162 -9.02 -34.79 17.40
C LYS B 162 -9.54 -35.70 16.28
N LYS B 163 -10.72 -36.28 16.49
CA LYS B 163 -11.38 -37.11 15.47
C LYS B 163 -11.87 -36.25 14.28
N LEU B 164 -12.46 -35.09 14.59
CA LEU B 164 -12.88 -34.13 13.56
C LEU B 164 -11.69 -33.65 12.70
N ASN B 165 -10.53 -33.47 13.34
CA ASN B 165 -9.31 -33.02 12.65
C ASN B 165 -8.76 -34.03 11.64
N GLU B 166 -8.82 -35.32 11.97
CA GLU B 166 -8.42 -36.39 11.05
C GLU B 166 -9.23 -36.33 9.75
N TRP B 167 -10.54 -36.14 9.87
CA TRP B 167 -11.45 -36.06 8.71
C TRP B 167 -11.29 -34.79 7.93
N LEU B 168 -11.10 -33.66 8.61
CA LEU B 168 -10.85 -32.37 7.95
C LEU B 168 -9.42 -32.30 7.42
N GLY B 169 -9.18 -32.97 6.29
CA GLY B 169 -7.85 -33.05 5.69
C GLY B 169 -6.95 -34.03 6.42
#